data_5ELM
#
_entry.id   5ELM
#
_cell.length_a   67.530
_cell.length_b   81.250
_cell.length_c   83.960
_cell.angle_alpha   90.00
_cell.angle_beta   111.39
_cell.angle_gamma   90.00
#
_symmetry.space_group_name_H-M   'P 1 21 1'
#
loop_
_entity.id
_entity.type
_entity.pdbx_description
1 polymer 'Asp/Glu_racemase family protein'
2 non-polymer GLYCEROL
3 non-polymer 'GLUTAMIC ACID'
4 non-polymer 'NITRATE ION'
5 water water
#
_entity_poly.entity_id   1
_entity_poly.type   'polypeptide(L)'
_entity_poly.pdbx_seq_one_letter_code
;MKTIGLLGGMSWESTIPYYRLINEGIKQRLGGLHSAQVLLHSVDFHEIEECQRRGEWDKTGDILAEAALGLQRAGAEGIV
LCTNTMHKVADAIESRCTLPFLHIADATGRAITGAGMTRVALLGTRYTMEQDFYRGRLTEQFSINCLIPEADERAKINQI
IFEELCLGQFTEASRAYYAQVIARLAEQGAQGVIFGSTEIGLLVPEERSVLPVFDTAAIHAEDAVAFMLSLEHHHHHH
;
_entity_poly.pdbx_strand_id   A,B,C,D
#
# COMPACT_ATOMS: atom_id res chain seq x y z
N MET A 1 -10.52 15.77 20.15
CA MET A 1 -11.15 14.47 19.80
C MET A 1 -11.62 13.74 21.08
N LYS A 2 -12.59 12.87 20.94
CA LYS A 2 -13.02 11.99 22.03
C LYS A 2 -12.01 10.84 22.17
N THR A 3 -11.86 10.36 23.39
CA THR A 3 -11.05 9.16 23.67
C THR A 3 -11.89 7.93 23.51
N ILE A 4 -11.38 6.97 22.76
CA ILE A 4 -12.10 5.73 22.43
C ILE A 4 -11.61 4.70 23.41
N GLY A 5 -12.54 3.86 23.86
CA GLY A 5 -12.20 2.70 24.64
C GLY A 5 -12.29 1.40 23.89
N LEU A 6 -11.18 0.66 23.80
CA LEU A 6 -11.06 -0.62 23.08
C LEU A 6 -11.09 -1.77 24.03
N LEU A 7 -11.92 -2.76 23.71
CA LEU A 7 -11.97 -4.04 24.42
C LEU A 7 -11.36 -5.11 23.51
N GLY A 8 -10.17 -5.55 23.90
CA GLY A 8 -9.30 -6.33 23.01
C GLY A 8 -8.63 -7.52 23.70
N GLY A 9 -7.60 -8.07 23.06
CA GLY A 9 -7.00 -9.37 23.45
C GLY A 9 -7.82 -10.60 23.06
N MET A 10 -8.72 -10.50 22.10
CA MET A 10 -9.54 -11.60 21.64
C MET A 10 -9.58 -11.75 20.11
N SER A 11 -8.45 -11.99 19.45
CA SER A 11 -7.13 -12.19 20.07
C SER A 11 -6.30 -10.91 20.10
N TRP A 12 -5.18 -10.91 20.81
CA TRP A 12 -4.25 -9.77 20.74
C TRP A 12 -3.78 -9.46 19.29
N GLU A 13 -3.59 -10.49 18.51
CA GLU A 13 -3.14 -10.25 17.16
C GLU A 13 -4.21 -9.50 16.44
N SER A 14 -5.48 -9.77 16.68
CA SER A 14 -6.49 -9.06 15.95
C SER A 14 -6.83 -7.66 16.50
N THR A 15 -6.33 -7.37 17.69
CA THR A 15 -6.38 -6.03 18.28
C THR A 15 -5.45 -5.00 17.62
N ILE A 16 -4.28 -5.45 17.19
CA ILE A 16 -3.25 -4.61 16.65
C ILE A 16 -3.79 -3.81 15.45
N PRO A 17 -4.56 -4.46 14.53
CA PRO A 17 -5.09 -3.67 13.38
C PRO A 17 -6.13 -2.57 13.75
N TYR A 18 -6.93 -2.79 14.78
CA TYR A 18 -7.73 -1.68 15.32
C TYR A 18 -6.83 -0.56 15.73
N TYR A 19 -5.78 -0.83 16.51
CA TYR A 19 -4.91 0.29 17.01
C TYR A 19 -4.21 0.96 15.85
N ARG A 20 -3.74 0.17 14.91
CA ARG A 20 -3.04 0.74 13.73
C ARG A 20 -3.91 1.64 12.86
N LEU A 21 -5.08 1.13 12.48
CA LEU A 21 -6.03 1.87 11.65
C LEU A 21 -6.66 3.07 12.32
N ILE A 22 -6.91 2.97 13.62
CA ILE A 22 -7.41 4.13 14.32
C ILE A 22 -6.39 5.29 14.33
N ASN A 23 -5.12 4.99 14.68
CA ASN A 23 -4.06 5.96 14.66
C ASN A 23 -3.79 6.51 13.28
N GLU A 24 -3.80 5.64 12.28
CA GLU A 24 -3.62 6.13 10.91
C GLU A 24 -4.77 6.98 10.49
N GLY A 25 -6.01 6.64 10.86
CA GLY A 25 -7.10 7.48 10.45
C GLY A 25 -7.05 8.88 11.09
N ILE A 26 -6.81 8.90 12.40
CA ILE A 26 -6.53 10.19 13.09
C ILE A 26 -5.35 10.99 12.45
N LYS A 27 -4.23 10.36 12.18
CA LYS A 27 -3.10 11.07 11.60
C LYS A 27 -3.45 11.58 10.20
N GLN A 28 -4.17 10.80 9.40
CA GLN A 28 -4.70 11.30 8.11
C GLN A 28 -5.59 12.51 8.24
N ARG A 29 -6.57 12.47 9.16
CA ARG A 29 -7.52 13.56 9.30
C ARG A 29 -6.96 14.81 10.04
N LEU A 30 -6.16 14.65 11.09
CA LEU A 30 -5.67 15.81 11.88
C LEU A 30 -4.30 16.38 11.43
N GLY A 31 -3.49 15.57 10.77
CA GLY A 31 -2.23 16.03 10.25
C GLY A 31 -1.05 15.79 11.18
N GLY A 32 0.15 15.94 10.62
CA GLY A 32 1.39 15.92 11.38
C GLY A 32 1.63 14.79 12.35
N LEU A 33 1.88 15.15 13.61
CA LEU A 33 2.24 14.18 14.62
C LEU A 33 1.02 13.75 15.45
N HIS A 34 -0.16 14.23 15.09
CA HIS A 34 -1.38 13.79 15.77
C HIS A 34 -1.57 12.28 15.78
N SER A 35 -1.91 11.77 16.96
CA SER A 35 -2.25 10.35 17.12
C SER A 35 -3.52 10.20 17.94
N ALA A 36 -4.05 8.98 18.00
CA ALA A 36 -5.37 8.76 18.55
C ALA A 36 -5.33 8.67 20.05
N GLN A 37 -6.30 9.30 20.70
CA GLN A 37 -6.50 9.13 22.14
C GLN A 37 -7.21 7.80 22.40
N VAL A 38 -6.48 6.84 22.93
CA VAL A 38 -7.04 5.45 23.00
C VAL A 38 -6.80 4.90 24.35
N LEU A 39 -7.85 4.30 24.90
CA LEU A 39 -7.73 3.47 26.06
C LEU A 39 -8.01 2.04 25.64
N LEU A 40 -7.11 1.13 25.97
CA LEU A 40 -7.31 -0.24 25.61
C LEU A 40 -7.26 -1.12 26.82
N HIS A 41 -8.26 -2.01 26.94
CA HIS A 41 -8.24 -3.10 27.89
C HIS A 41 -8.10 -4.41 27.14
N SER A 42 -6.96 -5.08 27.29
CA SER A 42 -6.70 -6.38 26.67
C SER A 42 -6.89 -7.51 27.73
N VAL A 43 -7.84 -8.43 27.47
CA VAL A 43 -8.10 -9.57 28.31
C VAL A 43 -7.05 -10.68 28.20
N ASP A 44 -6.99 -11.51 29.23
CA ASP A 44 -6.44 -12.86 29.09
C ASP A 44 -7.52 -13.75 28.41
N PHE A 45 -7.28 -13.99 27.12
CA PHE A 45 -8.19 -14.73 26.22
C PHE A 45 -8.50 -16.14 26.76
N HIS A 46 -7.50 -16.74 27.39
CA HIS A 46 -7.72 -18.02 28.07
C HIS A 46 -8.99 -18.05 28.89
N GLU A 47 -9.18 -17.00 29.70
CA GLU A 47 -10.31 -16.89 30.64
C GLU A 47 -11.65 -16.67 29.90
N ILE A 48 -11.63 -15.90 28.83
CA ILE A 48 -12.81 -15.73 27.95
C ILE A 48 -13.16 -17.08 27.26
N GLU A 49 -12.16 -17.80 26.73
CA GLU A 49 -12.41 -19.01 25.94
C GLU A 49 -12.96 -20.10 26.85
N GLU A 50 -12.52 -20.10 28.10
CA GLU A 50 -13.04 -21.07 29.05
C GLU A 50 -14.54 -20.86 29.26
N CYS A 51 -14.98 -19.61 29.33
CA CYS A 51 -16.43 -19.33 29.47
C CYS A 51 -17.13 -19.69 28.12
N GLN A 52 -16.54 -19.26 27.01
CA GLN A 52 -17.20 -19.42 25.72
C GLN A 52 -17.38 -20.87 25.37
N ARG A 53 -16.42 -21.69 25.74
CA ARG A 53 -16.46 -23.07 25.33
C ARG A 53 -17.54 -23.83 26.10
N ARG A 54 -17.88 -23.37 27.28
CA ARG A 54 -18.99 -23.96 28.06
C ARG A 54 -20.34 -23.27 27.83
N GLY A 55 -20.36 -22.31 26.91
CA GLY A 55 -21.54 -21.55 26.58
C GLY A 55 -21.99 -20.61 27.70
N GLU A 56 -21.07 -20.19 28.58
CA GLU A 56 -21.42 -19.31 29.71
C GLU A 56 -21.30 -17.87 29.32
N TRP A 57 -22.23 -17.45 28.46
CA TRP A 57 -22.19 -16.17 27.81
C TRP A 57 -22.51 -15.11 28.84
N ASP A 58 -23.26 -15.44 29.90
CA ASP A 58 -23.50 -14.45 30.95
C ASP A 58 -22.20 -14.12 31.67
N LYS A 59 -21.29 -15.11 31.87
CA LYS A 59 -20.02 -14.78 32.54
C LYS A 59 -19.17 -13.91 31.65
N THR A 60 -19.11 -14.25 30.38
CA THR A 60 -18.34 -13.45 29.42
C THR A 60 -18.85 -12.00 29.35
N GLY A 61 -20.16 -11.84 29.34
CA GLY A 61 -20.70 -10.48 29.35
C GLY A 61 -20.38 -9.77 30.65
N ASP A 62 -20.31 -10.47 31.75
CA ASP A 62 -20.01 -9.84 33.04
C ASP A 62 -18.53 -9.37 33.00
N ILE A 63 -17.63 -10.22 32.47
CA ILE A 63 -16.21 -9.81 32.38
C ILE A 63 -16.01 -8.59 31.46
N LEU A 64 -16.57 -8.68 30.26
CA LEU A 64 -16.43 -7.61 29.31
C LEU A 64 -17.13 -6.25 29.74
N ALA A 65 -18.29 -6.33 30.36
CA ALA A 65 -18.94 -5.17 30.87
C ALA A 65 -18.12 -4.51 32.01
N GLU A 66 -17.53 -5.31 32.87
CA GLU A 66 -16.64 -4.78 33.92
C GLU A 66 -15.45 -4.13 33.33
N ALA A 67 -14.93 -4.67 32.22
CA ALA A 67 -13.80 -4.05 31.51
C ALA A 67 -14.17 -2.68 30.91
N ALA A 68 -15.37 -2.59 30.33
CA ALA A 68 -15.89 -1.32 29.76
C ALA A 68 -16.05 -0.24 30.80
N LEU A 69 -16.64 -0.62 31.93
CA LEU A 69 -16.78 0.28 33.03
C LEU A 69 -15.41 0.78 33.55
N GLY A 70 -14.36 -0.05 33.55
CA GLY A 70 -13.02 0.43 33.90
C GLY A 70 -12.44 1.46 32.93
N LEU A 71 -12.66 1.23 31.64
CA LEU A 71 -12.25 2.24 30.65
C LEU A 71 -13.00 3.57 30.81
N GLN A 72 -14.29 3.48 31.06
CA GLN A 72 -15.08 4.65 31.31
C GLN A 72 -14.53 5.42 32.52
N ARG A 73 -14.19 4.72 33.60
CA ARG A 73 -13.50 5.32 34.74
C ARG A 73 -12.21 6.00 34.40
N ALA A 74 -11.48 5.49 33.41
CA ALA A 74 -10.23 6.08 33.01
C ALA A 74 -10.49 7.17 31.95
N GLY A 75 -11.74 7.47 31.65
CA GLY A 75 -12.06 8.54 30.72
C GLY A 75 -12.44 8.24 29.29
N ALA A 76 -12.61 6.97 28.89
CA ALA A 76 -13.13 6.66 27.57
C ALA A 76 -14.54 7.28 27.40
N GLU A 77 -14.87 7.62 26.17
CA GLU A 77 -16.13 8.25 25.82
C GLU A 77 -16.95 7.42 24.87
N GLY A 78 -16.39 6.31 24.41
CA GLY A 78 -17.15 5.32 23.63
C GLY A 78 -16.47 3.98 23.73
N ILE A 79 -17.22 2.93 23.45
CA ILE A 79 -16.70 1.57 23.52
C ILE A 79 -16.73 0.84 22.19
N VAL A 80 -15.54 0.34 21.82
CA VAL A 80 -15.40 -0.61 20.74
C VAL A 80 -14.91 -1.98 21.22
N LEU A 81 -15.63 -3.03 20.84
CA LEU A 81 -15.31 -4.43 21.14
C LEU A 81 -14.60 -5.03 19.94
N CYS A 82 -13.36 -5.49 20.09
CA CYS A 82 -12.47 -5.73 18.90
C CYS A 82 -12.52 -7.19 18.44
N THR A 83 -13.72 -7.71 18.34
CA THR A 83 -14.00 -9.11 18.00
C THR A 83 -15.44 -9.18 17.55
N ASN A 84 -15.64 -9.91 16.46
CA ASN A 84 -16.96 -10.15 15.98
C ASN A 84 -17.67 -11.08 16.92
N THR A 85 -17.08 -12.22 17.14
CA THR A 85 -17.75 -13.33 17.85
C THR A 85 -18.25 -12.93 19.23
N MET A 86 -17.51 -12.05 19.92
CA MET A 86 -17.90 -11.65 21.27
C MET A 86 -19.08 -10.70 21.26
N HIS A 87 -19.53 -10.22 20.10
CA HIS A 87 -20.78 -9.45 20.11
C HIS A 87 -22.03 -10.24 20.49
N LYS A 88 -21.92 -11.53 20.68
CA LYS A 88 -22.87 -12.41 21.42
C LYS A 88 -23.35 -11.72 22.72
N VAL A 89 -22.43 -11.00 23.36
CA VAL A 89 -22.75 -10.30 24.65
C VAL A 89 -22.73 -8.78 24.57
N ALA A 90 -22.86 -8.21 23.34
CA ALA A 90 -22.90 -6.75 23.20
C ALA A 90 -24.01 -6.11 24.04
N ASP A 91 -25.13 -6.80 24.21
CA ASP A 91 -26.20 -6.24 24.98
C ASP A 91 -25.85 -6.06 26.43
N ALA A 92 -25.02 -6.96 26.97
CA ALA A 92 -24.53 -6.82 28.31
C ALA A 92 -23.70 -5.56 28.47
N ILE A 93 -22.78 -5.31 27.55
CA ILE A 93 -21.98 -4.11 27.61
C ILE A 93 -22.78 -2.83 27.35
N GLU A 94 -23.63 -2.85 26.35
CA GLU A 94 -24.43 -1.65 26.00
C GLU A 94 -25.42 -1.26 27.11
N SER A 95 -26.11 -2.24 27.68
CA SER A 95 -27.11 -1.97 28.72
C SER A 95 -26.47 -1.55 30.03
N ARG A 96 -25.24 -1.97 30.33
CA ARG A 96 -24.62 -1.70 31.65
C ARG A 96 -23.65 -0.50 31.73
N CYS A 97 -23.11 -0.11 30.60
CA CYS A 97 -22.11 0.94 30.53
C CYS A 97 -22.78 2.02 29.72
N THR A 98 -22.92 3.21 30.31
CA THR A 98 -23.68 4.30 29.69
C THR A 98 -23.00 4.94 28.44
N LEU A 99 -21.73 4.61 28.17
CA LEU A 99 -21.02 5.13 27.02
C LEU A 99 -21.60 4.62 25.75
N PRO A 100 -21.65 5.44 24.67
CA PRO A 100 -21.99 4.85 23.37
C PRO A 100 -21.23 3.59 23.04
N PHE A 101 -21.94 2.56 22.60
CA PHE A 101 -21.36 1.29 22.21
C PHE A 101 -21.39 1.21 20.73
N LEU A 102 -20.23 1.08 20.09
CA LEU A 102 -20.18 1.14 18.62
C LEU A 102 -20.15 -0.30 18.12
N HIS A 103 -21.32 -0.85 17.87
CA HIS A 103 -21.45 -2.25 17.57
C HIS A 103 -20.84 -2.52 16.21
N ILE A 104 -20.17 -3.62 16.10
CA ILE A 104 -19.51 -3.94 14.83
C ILE A 104 -20.48 -4.05 13.64
N ALA A 105 -21.68 -4.56 13.88
CA ALA A 105 -22.66 -4.68 12.86
C ALA A 105 -23.29 -3.34 12.51
N ASP A 106 -23.37 -2.40 13.46
CA ASP A 106 -23.80 -1.06 13.15
C ASP A 106 -22.81 -0.32 12.25
N ALA A 107 -21.52 -0.42 12.53
CA ALA A 107 -20.56 0.21 11.63
C ALA A 107 -20.80 -0.33 10.24
N THR A 108 -20.90 -1.66 10.10
CA THR A 108 -21.06 -2.27 8.79
C THR A 108 -22.43 -1.88 8.17
N GLY A 109 -23.51 -1.92 8.93
CA GLY A 109 -24.81 -1.48 8.45
C GLY A 109 -24.77 -0.08 7.81
N ARG A 110 -24.12 0.87 8.50
CA ARG A 110 -23.94 2.23 8.00
C ARG A 110 -23.23 2.19 6.65
N ALA A 111 -22.23 1.32 6.50
CA ALA A 111 -21.48 1.24 5.22
C ALA A 111 -22.37 0.64 4.13
N ILE A 112 -23.16 -0.36 4.49
CA ILE A 112 -24.01 -1.07 3.54
C ILE A 112 -25.10 -0.13 3.04
N THR A 113 -25.80 0.52 3.95
CA THR A 113 -26.79 1.51 3.55
C THR A 113 -26.20 2.77 2.84
N GLY A 114 -25.00 3.20 3.21
CA GLY A 114 -24.31 4.26 2.45
C GLY A 114 -23.86 3.83 1.04
N ALA A 115 -23.83 2.53 0.76
CA ALA A 115 -23.66 2.01 -0.61
C ALA A 115 -25.00 1.72 -1.30
N GLY A 116 -26.11 2.19 -0.74
CA GLY A 116 -27.41 2.05 -1.38
C GLY A 116 -27.90 0.63 -1.44
N MET A 117 -27.57 -0.20 -0.44
CA MET A 117 -27.91 -1.62 -0.52
C MET A 117 -28.84 -2.01 0.63
N THR A 118 -29.72 -2.98 0.36
CA THR A 118 -30.68 -3.53 1.34
C THR A 118 -30.48 -5.04 1.66
N ARG A 119 -29.64 -5.71 0.86
CA ARG A 119 -29.56 -7.17 0.81
C ARG A 119 -28.13 -7.61 0.55
N VAL A 120 -27.54 -8.27 1.53
CA VAL A 120 -26.13 -8.65 1.52
C VAL A 120 -26.00 -10.10 1.98
N ALA A 121 -24.82 -10.64 1.78
CA ALA A 121 -24.49 -11.94 2.32
C ALA A 121 -23.46 -11.80 3.44
N LEU A 122 -23.40 -12.81 4.28
CA LEU A 122 -22.44 -12.78 5.38
C LEU A 122 -21.66 -14.04 5.39
N LEU A 123 -20.34 -13.90 5.28
CA LEU A 123 -19.41 -14.98 5.47
C LEU A 123 -18.58 -14.79 6.73
N GLY A 124 -18.44 -15.83 7.53
CA GLY A 124 -17.60 -15.77 8.77
C GLY A 124 -17.51 -17.17 9.34
N THR A 125 -17.21 -17.27 10.62
CA THR A 125 -17.38 -18.51 11.30
C THR A 125 -18.86 -18.98 11.24
N ARG A 126 -19.01 -20.29 11.42
CA ARG A 126 -20.32 -20.86 11.52
C ARG A 126 -21.12 -20.27 12.64
N TYR A 127 -20.46 -20.06 13.78
CA TYR A 127 -21.10 -19.42 14.95
C TYR A 127 -21.64 -18.01 14.65
N THR A 128 -20.77 -17.19 14.08
CA THR A 128 -21.17 -15.87 13.69
C THR A 128 -22.27 -15.86 12.60
N MET A 129 -22.21 -16.85 11.68
CA MET A 129 -23.25 -16.96 10.62
C MET A 129 -24.57 -17.39 11.15
N GLU A 130 -24.58 -18.34 12.07
CA GLU A 130 -25.81 -18.98 12.53
C GLU A 130 -26.49 -18.32 13.75
N GLN A 131 -25.71 -17.68 14.61
CA GLN A 131 -26.29 -16.93 15.73
C GLN A 131 -27.08 -15.69 15.28
N ASP A 132 -27.92 -15.18 16.17
CA ASP A 132 -28.71 -13.93 15.89
C ASP A 132 -27.98 -12.62 16.01
N PHE A 133 -26.87 -12.57 16.76
CA PHE A 133 -26.22 -11.31 17.14
C PHE A 133 -25.73 -10.43 16.01
N TYR A 134 -25.25 -10.99 14.92
CA TYR A 134 -24.73 -10.12 13.89
C TYR A 134 -25.91 -9.79 12.98
N ARG A 135 -26.46 -10.81 12.36
CA ARG A 135 -27.54 -10.59 11.37
C ARG A 135 -28.71 -9.89 12.02
N GLY A 136 -29.02 -10.28 13.23
CA GLY A 136 -30.09 -9.63 13.95
C GLY A 136 -29.90 -8.13 14.23
N ARG A 137 -28.69 -7.72 14.63
CA ARG A 137 -28.42 -6.30 14.79
C ARG A 137 -28.60 -5.46 13.51
N LEU A 138 -28.19 -6.04 12.37
CA LEU A 138 -28.37 -5.49 11.04
C LEU A 138 -29.84 -5.25 10.78
N THR A 139 -30.66 -6.28 10.92
CA THR A 139 -32.11 -6.00 10.73
C THR A 139 -32.67 -4.96 11.72
N GLU A 140 -32.36 -5.10 13.00
CA GLU A 140 -32.91 -4.21 14.07
C GLU A 140 -32.55 -2.74 13.92
N GLN A 141 -31.34 -2.47 13.48
CA GLN A 141 -30.88 -1.14 13.30
C GLN A 141 -31.17 -0.61 11.86
N PHE A 142 -31.31 -1.49 10.87
CA PHE A 142 -31.24 -1.05 9.43
C PHE A 142 -32.30 -1.65 8.48
N SER A 143 -32.95 -2.72 8.87
CA SER A 143 -33.75 -3.48 7.90
C SER A 143 -32.94 -4.20 6.78
N ILE A 144 -31.63 -4.32 6.95
CA ILE A 144 -30.78 -5.02 6.00
C ILE A 144 -31.13 -6.53 6.08
N ASN A 145 -31.45 -7.12 4.93
CA ASN A 145 -31.64 -8.57 4.80
C ASN A 145 -30.27 -9.21 4.69
N CYS A 146 -30.02 -10.18 5.54
CA CYS A 146 -28.71 -10.81 5.53
C CYS A 146 -28.76 -12.30 5.17
N LEU A 147 -28.28 -12.64 3.94
CA LEU A 147 -28.20 -14.01 3.44
C LEU A 147 -27.01 -14.75 4.06
N ILE A 148 -27.20 -16.05 4.40
CA ILE A 148 -26.04 -16.93 4.75
C ILE A 148 -25.97 -18.17 3.84
N PRO A 149 -24.76 -18.76 3.69
CA PRO A 149 -24.59 -20.03 3.01
C PRO A 149 -25.46 -21.13 3.64
N GLU A 150 -25.79 -22.13 2.83
CA GLU A 150 -26.42 -23.34 3.30
C GLU A 150 -25.51 -24.08 4.28
N ALA A 151 -26.07 -25.10 4.94
CA ALA A 151 -25.41 -25.78 6.10
C ALA A 151 -24.07 -26.48 5.75
N ASP A 152 -24.08 -27.33 4.73
CA ASP A 152 -22.82 -27.84 4.11
C ASP A 152 -21.73 -26.77 3.79
N GLU A 153 -22.12 -25.64 3.20
CA GLU A 153 -21.12 -24.59 2.90
C GLU A 153 -20.61 -23.95 4.21
N ARG A 154 -21.51 -23.65 5.13
CA ARG A 154 -21.10 -23.11 6.45
C ARG A 154 -20.01 -23.95 7.14
N ALA A 155 -20.20 -25.26 7.06
CA ALA A 155 -19.28 -26.17 7.63
C ALA A 155 -17.91 -26.16 6.90
N LYS A 156 -17.93 -26.13 5.54
CA LYS A 156 -16.71 -25.98 4.76
C LYS A 156 -16.01 -24.61 5.00
N ILE A 157 -16.77 -23.53 4.95
CA ILE A 157 -16.22 -22.18 5.18
C ILE A 157 -15.57 -22.09 6.57
N ASN A 158 -16.22 -22.65 7.59
CA ASN A 158 -15.67 -22.67 8.97
C ASN A 158 -14.37 -23.46 9.08
N GLN A 159 -14.43 -24.67 8.56
CA GLN A 159 -13.30 -25.58 8.52
C GLN A 159 -12.12 -24.85 7.85
N ILE A 160 -12.37 -24.15 6.78
CA ILE A 160 -11.28 -23.39 6.11
C ILE A 160 -10.67 -22.34 7.02
N ILE A 161 -11.51 -21.67 7.80
CA ILE A 161 -11.07 -20.60 8.73
C ILE A 161 -10.14 -21.18 9.85
N PHE A 162 -10.52 -22.33 10.41
CA PHE A 162 -9.87 -22.85 11.62
C PHE A 162 -8.77 -23.83 11.29
N GLU A 163 -8.88 -24.49 10.15
CA GLU A 163 -7.79 -25.35 9.67
C GLU A 163 -6.78 -24.68 8.76
N GLU A 164 -7.13 -23.56 8.14
CA GLU A 164 -6.17 -22.87 7.28
C GLU A 164 -5.83 -21.41 7.60
N LEU A 165 -6.82 -20.51 7.42
CA LEU A 165 -6.61 -19.07 7.62
C LEU A 165 -6.08 -18.74 8.99
N CYS A 166 -6.52 -19.50 9.99
CA CYS A 166 -6.06 -19.28 11.35
C CYS A 166 -4.56 -19.68 11.45
N LEU A 167 -4.16 -20.75 10.76
CA LEU A 167 -2.76 -21.20 10.75
C LEU A 167 -1.98 -20.66 9.55
N GLY A 168 -2.30 -19.44 9.11
CA GLY A 168 -1.61 -18.79 7.98
C GLY A 168 -1.67 -19.37 6.56
N GLN A 169 -2.49 -20.37 6.28
CA GLN A 169 -2.57 -20.91 4.91
C GLN A 169 -3.73 -20.26 4.09
N PHE A 170 -3.34 -19.38 3.15
CA PHE A 170 -4.21 -18.76 2.14
C PHE A 170 -4.00 -19.42 0.81
N THR A 171 -4.84 -20.39 0.52
CA THR A 171 -4.63 -21.27 -0.62
C THR A 171 -5.59 -20.89 -1.74
N GLU A 172 -5.21 -21.22 -2.98
CA GLU A 172 -6.07 -20.94 -4.14
C GLU A 172 -7.37 -21.69 -4.07
N ALA A 173 -7.33 -22.95 -3.65
CA ALA A 173 -8.55 -23.79 -3.67
C ALA A 173 -9.64 -23.27 -2.70
N SER A 174 -9.20 -22.86 -1.53
CA SER A 174 -10.10 -22.24 -0.58
C SER A 174 -10.60 -20.91 -1.17
N ARG A 175 -9.67 -20.14 -1.77
CA ARG A 175 -10.01 -18.87 -2.36
C ARG A 175 -11.16 -19.07 -3.38
N ALA A 176 -10.98 -20.00 -4.28
CA ALA A 176 -11.97 -20.24 -5.30
C ALA A 176 -13.30 -20.73 -4.74
N TYR A 177 -13.25 -21.58 -3.71
CA TYR A 177 -14.50 -22.08 -3.09
C TYR A 177 -15.33 -20.92 -2.50
N TYR A 178 -14.67 -19.99 -1.81
CA TYR A 178 -15.36 -18.78 -1.26
C TYR A 178 -16.00 -17.93 -2.38
N ALA A 179 -15.23 -17.70 -3.45
CA ALA A 179 -15.69 -16.91 -4.55
C ALA A 179 -16.87 -17.59 -5.23
N GLN A 180 -16.87 -18.94 -5.26
CA GLN A 180 -18.02 -19.69 -5.77
C GLN A 180 -19.27 -19.51 -4.85
N VAL A 181 -19.07 -19.64 -3.55
CA VAL A 181 -20.19 -19.36 -2.62
C VAL A 181 -20.68 -17.91 -2.78
N ILE A 182 -19.77 -16.97 -2.87
CA ILE A 182 -20.19 -15.55 -2.97
C ILE A 182 -21.05 -15.39 -4.22
N ALA A 183 -20.60 -16.08 -5.27
CA ALA A 183 -21.32 -16.03 -6.51
C ALA A 183 -22.71 -16.63 -6.40
N ARG A 184 -22.83 -17.79 -5.76
CA ARG A 184 -24.18 -18.37 -5.55
C ARG A 184 -25.12 -17.42 -4.85
N LEU A 185 -24.58 -16.72 -3.87
CA LEU A 185 -25.42 -15.82 -3.04
C LEU A 185 -25.75 -14.59 -3.86
N ALA A 186 -24.81 -14.14 -4.69
CA ALA A 186 -25.11 -13.03 -5.60
C ALA A 186 -26.32 -13.34 -6.47
N GLU A 187 -26.39 -14.57 -6.96
CA GLU A 187 -27.53 -14.94 -7.80
C GLU A 187 -28.84 -15.08 -7.05
N GLN A 188 -28.78 -15.20 -5.73
CA GLN A 188 -29.97 -15.17 -4.88
C GLN A 188 -30.40 -13.78 -4.49
N GLY A 189 -29.77 -12.74 -4.99
CA GLY A 189 -30.19 -11.38 -4.57
C GLY A 189 -29.19 -10.61 -3.75
N ALA A 190 -28.15 -11.24 -3.22
CA ALA A 190 -27.14 -10.44 -2.43
C ALA A 190 -26.48 -9.36 -3.26
N GLN A 191 -26.38 -8.13 -2.71
CA GLN A 191 -25.80 -7.02 -3.41
C GLN A 191 -24.39 -6.71 -2.93
N GLY A 192 -23.98 -7.33 -1.84
CA GLY A 192 -22.66 -7.13 -1.32
C GLY A 192 -22.40 -8.26 -0.37
N VAL A 193 -21.14 -8.38 0.06
CA VAL A 193 -20.78 -9.46 0.94
C VAL A 193 -19.96 -8.94 2.11
N ILE A 194 -20.34 -9.33 3.31
CA ILE A 194 -19.64 -8.95 4.51
C ILE A 194 -18.66 -10.06 4.82
N PHE A 195 -17.41 -9.73 5.02
CA PHE A 195 -16.42 -10.70 5.46
C PHE A 195 -16.25 -10.51 6.93
N GLY A 196 -16.63 -11.52 7.71
CA GLY A 196 -16.71 -11.38 9.16
C GLY A 196 -15.40 -11.27 9.90
N SER A 197 -14.26 -11.43 9.24
CA SER A 197 -12.97 -11.26 9.90
C SER A 197 -11.89 -10.90 8.92
N THR A 198 -10.81 -10.40 9.47
CA THR A 198 -9.71 -9.92 8.67
C THR A 198 -9.19 -11.01 7.76
N GLU A 199 -9.16 -12.25 8.23
CA GLU A 199 -8.54 -13.28 7.44
C GLU A 199 -9.33 -13.65 6.17
N ILE A 200 -10.65 -13.56 6.17
CA ILE A 200 -11.39 -13.89 4.93
C ILE A 200 -10.99 -12.89 3.83
N GLY A 201 -10.99 -11.60 4.17
CA GLY A 201 -10.39 -10.58 3.35
C GLY A 201 -8.96 -10.90 2.94
N LEU A 202 -8.14 -11.48 3.81
CA LEU A 202 -6.81 -11.92 3.36
C LEU A 202 -6.89 -12.99 2.26
N LEU A 203 -7.87 -13.89 2.33
CA LEU A 203 -8.00 -14.98 1.38
C LEU A 203 -8.62 -14.52 0.08
N VAL A 204 -9.73 -13.77 0.17
CA VAL A 204 -10.46 -13.31 -0.96
C VAL A 204 -10.26 -11.80 -1.25
N PRO A 205 -9.29 -11.46 -2.14
CA PRO A 205 -9.19 -10.05 -2.52
C PRO A 205 -10.47 -9.60 -3.28
N GLU A 206 -10.72 -8.29 -3.30
CA GLU A 206 -12.03 -7.82 -3.77
C GLU A 206 -12.18 -8.10 -5.28
N GLU A 207 -11.05 -8.18 -5.98
CA GLU A 207 -10.96 -8.62 -7.41
C GLU A 207 -11.61 -9.97 -7.68
N ARG A 208 -11.60 -10.84 -6.67
CA ARG A 208 -12.05 -12.23 -6.77
C ARG A 208 -13.46 -12.42 -6.29
N SER A 209 -14.01 -11.44 -5.55
CA SER A 209 -15.42 -11.46 -5.21
C SER A 209 -16.22 -10.81 -6.30
N VAL A 210 -17.27 -11.45 -6.76
CA VAL A 210 -18.21 -10.86 -7.73
C VAL A 210 -19.10 -9.83 -7.07
N LEU A 211 -19.05 -9.75 -5.73
CA LEU A 211 -19.83 -8.71 -5.03
C LEU A 211 -18.90 -7.69 -4.35
N PRO A 212 -19.33 -6.42 -4.31
CA PRO A 212 -18.68 -5.49 -3.36
C PRO A 212 -18.52 -6.13 -1.96
N VAL A 213 -17.30 -6.03 -1.42
CA VAL A 213 -16.90 -6.57 -0.12
C VAL A 213 -16.90 -5.47 0.98
N PHE A 214 -17.33 -5.88 2.18
CA PHE A 214 -17.39 -5.02 3.35
C PHE A 214 -16.60 -5.73 4.43
N ASP A 215 -15.42 -5.25 4.73
CA ASP A 215 -14.56 -5.93 5.64
C ASP A 215 -14.89 -5.40 7.01
N THR A 216 -15.51 -6.21 7.83
CA THR A 216 -16.32 -5.69 8.95
C THR A 216 -15.41 -5.11 10.01
N ALA A 217 -14.23 -5.67 10.18
CA ALA A 217 -13.19 -5.20 11.16
C ALA A 217 -12.50 -3.91 10.74
N ALA A 218 -12.14 -3.80 9.45
CA ALA A 218 -11.58 -2.52 9.01
C ALA A 218 -12.62 -1.44 9.06
N ILE A 219 -13.84 -1.76 8.68
CA ILE A 219 -14.94 -0.82 8.77
C ILE A 219 -15.15 -0.33 10.23
N HIS A 220 -14.99 -1.24 11.15
CA HIS A 220 -15.27 -0.95 12.55
C HIS A 220 -14.29 0.11 13.06
N ALA A 221 -13.01 -0.01 12.69
CA ALA A 221 -11.97 0.90 13.11
C ALA A 221 -12.19 2.28 12.50
N GLU A 222 -12.51 2.26 11.22
CA GLU A 222 -12.86 3.49 10.52
C GLU A 222 -14.06 4.18 11.15
N ASP A 223 -15.06 3.42 11.60
CA ASP A 223 -16.21 4.07 12.31
C ASP A 223 -15.79 4.65 13.68
N ALA A 224 -14.83 4.03 14.37
CA ALA A 224 -14.29 4.56 15.61
C ALA A 224 -13.69 5.91 15.44
N VAL A 225 -12.95 6.07 14.38
CA VAL A 225 -12.38 7.34 14.03
C VAL A 225 -13.45 8.44 13.79
N ALA A 226 -14.46 8.14 12.97
CA ALA A 226 -15.63 9.02 12.78
C ALA A 226 -16.26 9.39 14.10
N PHE A 227 -16.41 8.45 15.01
CA PHE A 227 -16.94 8.76 16.34
C PHE A 227 -16.07 9.77 17.13
N MET A 228 -14.75 9.54 17.15
CA MET A 228 -13.82 10.35 17.94
C MET A 228 -13.77 11.79 17.40
N LEU A 229 -14.00 11.96 16.13
CA LEU A 229 -14.00 13.30 15.53
C LEU A 229 -15.44 13.82 15.34
N SER A 230 -16.43 13.05 15.78
CA SER A 230 -17.83 13.43 15.62
C SER A 230 -18.21 13.68 14.14
N LEU A 231 -17.85 12.76 13.26
CA LEU A 231 -18.12 12.92 11.83
C LEU A 231 -19.28 12.02 11.39
N GLU A 232 -19.89 12.43 10.28
CA GLU A 232 -20.93 11.68 9.55
C GLU A 232 -21.97 11.18 10.51
N HIS A 233 -21.94 9.89 10.84
CA HIS A 233 -23.05 9.32 11.61
C HIS A 233 -23.04 9.78 13.09
N HIS A 234 -21.87 10.26 13.54
CA HIS A 234 -21.66 10.68 14.91
C HIS A 234 -21.56 12.21 15.10
N HIS A 235 -22.04 13.00 14.15
CA HIS A 235 -21.91 14.48 14.27
C HIS A 235 -23.13 14.96 15.01
N MET B 1 -2.02 -13.40 37.19
CA MET B 1 -1.04 -12.49 36.63
C MET B 1 -1.48 -11.05 36.97
N LYS B 2 -0.54 -10.15 37.21
N LYS B 2 -0.52 -10.15 37.16
CA LYS B 2 -0.89 -8.77 37.41
CA LYS B 2 -0.84 -8.74 37.41
C LYS B 2 -1.24 -8.16 36.08
C LYS B 2 -1.05 -7.96 36.12
N THR B 3 -2.09 -7.13 36.12
CA THR B 3 -2.39 -6.29 34.93
C THR B 3 -1.37 -5.19 34.77
N ILE B 4 -0.70 -5.14 33.61
CA ILE B 4 0.26 -4.08 33.38
C ILE B 4 -0.44 -2.88 32.72
N GLY B 5 -0.05 -1.68 33.13
CA GLY B 5 -0.50 -0.45 32.57
C GLY B 5 0.58 0.15 31.65
N LEU B 6 0.23 0.37 30.40
CA LEU B 6 1.14 0.93 29.46
C LEU B 6 0.78 2.36 29.18
N LEU B 7 1.76 3.23 29.21
CA LEU B 7 1.65 4.65 28.76
C LEU B 7 2.34 4.77 27.46
N GLY B 8 1.57 4.86 26.35
CA GLY B 8 2.09 4.82 25.01
C GLY B 8 1.54 5.88 24.08
N GLY B 9 1.59 5.62 22.80
CA GLY B 9 1.38 6.64 21.81
C GLY B 9 2.49 7.65 21.59
N MET B 10 3.69 7.28 22.00
CA MET B 10 4.84 8.19 21.99
C MET B 10 6.07 7.56 21.32
N SER B 11 6.02 7.17 20.06
CA SER B 11 4.86 7.15 19.14
C SER B 11 4.05 5.79 19.20
N TRP B 12 2.92 5.79 18.51
CA TRP B 12 2.01 4.66 18.46
C TRP B 12 2.65 3.51 17.68
N GLU B 13 3.43 3.86 16.66
CA GLU B 13 4.28 2.88 16.00
C GLU B 13 5.19 2.12 16.99
N SER B 14 5.69 2.75 18.05
CA SER B 14 6.59 2.11 19.05
C SER B 14 5.85 1.46 20.20
N THR B 15 4.56 1.77 20.32
CA THR B 15 3.72 1.10 21.28
C THR B 15 3.35 -0.32 20.83
N ILE B 16 3.24 -0.53 19.54
CA ILE B 16 2.84 -1.84 19.05
C ILE B 16 3.80 -3.00 19.45
N PRO B 17 5.10 -2.82 19.26
CA PRO B 17 6.08 -3.80 19.76
C PRO B 17 6.00 -4.10 21.25
N TYR B 18 5.75 -3.13 22.10
CA TYR B 18 5.44 -3.43 23.47
C TYR B 18 4.26 -4.40 23.62
N TYR B 19 3.16 -4.09 22.95
CA TYR B 19 1.96 -4.92 23.05
C TYR B 19 2.23 -6.32 22.51
N ARG B 20 2.79 -6.43 21.30
CA ARG B 20 3.19 -7.73 20.77
C ARG B 20 4.09 -8.49 21.73
N LEU B 21 5.20 -7.89 22.17
CA LEU B 21 6.17 -8.68 22.99
C LEU B 21 5.66 -9.05 24.33
N ILE B 22 4.78 -8.21 24.90
CA ILE B 22 4.23 -8.60 26.21
C ILE B 22 3.29 -9.82 26.09
N ASN B 23 2.42 -9.82 25.09
CA ASN B 23 1.53 -10.95 24.83
C ASN B 23 2.34 -12.24 24.52
N GLU B 24 3.32 -12.09 23.62
CA GLU B 24 4.20 -13.16 23.23
C GLU B 24 4.92 -13.75 24.43
N GLY B 25 5.47 -12.91 25.30
CA GLY B 25 6.15 -13.38 26.50
C GLY B 25 5.23 -14.08 27.47
N ILE B 26 4.01 -13.57 27.65
CA ILE B 26 2.99 -14.23 28.51
C ILE B 26 2.58 -15.60 27.95
N LYS B 27 2.38 -15.69 26.65
CA LYS B 27 2.06 -16.99 26.02
C LYS B 27 3.24 -18.00 26.08
N GLN B 28 4.44 -17.54 25.93
CA GLN B 28 5.59 -18.42 26.08
C GLN B 28 5.60 -18.97 27.48
N ARG B 29 5.35 -18.12 28.48
CA ARG B 29 5.46 -18.58 29.85
C ARG B 29 4.29 -19.40 30.41
N LEU B 30 3.07 -19.11 29.97
CA LEU B 30 1.88 -19.71 30.51
C LEU B 30 1.31 -20.69 29.51
N GLY B 31 1.62 -20.57 28.24
CA GLY B 31 1.13 -21.50 27.22
C GLY B 31 -0.38 -21.38 26.91
N GLY B 32 -0.86 -22.31 26.10
CA GLY B 32 -2.26 -22.46 25.83
C GLY B 32 -2.79 -21.22 25.15
N LEU B 33 -3.92 -20.75 25.61
CA LEU B 33 -4.47 -19.62 24.95
C LEU B 33 -4.18 -18.31 25.72
N HIS B 34 -3.20 -18.36 26.63
CA HIS B 34 -3.02 -17.26 27.60
C HIS B 34 -2.50 -16.08 26.85
N SER B 35 -3.09 -14.92 27.11
CA SER B 35 -2.58 -13.66 26.65
C SER B 35 -2.42 -12.64 27.80
N ALA B 36 -1.80 -11.54 27.49
CA ALA B 36 -1.52 -10.53 28.55
C ALA B 36 -2.72 -9.71 29.02
N GLN B 37 -2.82 -9.47 30.32
CA GLN B 37 -3.75 -8.44 30.83
C GLN B 37 -3.06 -7.11 30.76
N VAL B 38 -3.51 -6.28 29.84
CA VAL B 38 -2.86 -5.01 29.56
C VAL B 38 -3.86 -3.92 29.58
N LEU B 39 -3.60 -2.81 30.27
CA LEU B 39 -4.34 -1.60 30.08
C LEU B 39 -3.40 -0.65 29.38
N LEU B 40 -3.80 -0.04 28.29
CA LEU B 40 -2.96 0.94 27.62
C LEU B 40 -3.65 2.26 27.48
N HIS B 41 -2.94 3.33 27.82
CA HIS B 41 -3.36 4.70 27.55
C HIS B 41 -2.40 5.18 26.48
N SER B 42 -2.96 5.44 25.31
CA SER B 42 -2.21 6.02 24.20
C SER B 42 -2.61 7.47 23.99
N VAL B 43 -1.61 8.34 24.19
CA VAL B 43 -1.80 9.79 24.08
C VAL B 43 -1.75 10.28 22.63
N ASP B 44 -2.22 11.52 22.41
CA ASP B 44 -2.00 12.21 21.16
C ASP B 44 -0.60 12.85 21.23
N PHE B 45 0.30 12.26 20.48
CA PHE B 45 1.72 12.66 20.51
C PHE B 45 1.98 14.10 20.13
N HIS B 46 1.03 14.69 19.38
CA HIS B 46 1.16 16.11 18.98
C HIS B 46 1.27 17.00 20.21
N GLU B 47 0.46 16.75 21.23
CA GLU B 47 0.53 17.52 22.47
C GLU B 47 1.87 17.33 23.20
N ILE B 48 2.29 16.09 23.35
CA ILE B 48 3.48 15.75 24.08
C ILE B 48 4.66 16.40 23.37
N GLU B 49 4.73 16.27 22.05
CA GLU B 49 5.93 16.69 21.34
C GLU B 49 6.02 18.21 21.28
N GLU B 50 4.86 18.87 21.21
CA GLU B 50 4.76 20.28 21.37
C GLU B 50 5.35 20.71 22.71
N CYS B 51 4.95 20.07 23.79
CA CYS B 51 5.49 20.41 25.11
C CYS B 51 7.01 20.24 25.16
N GLN B 52 7.53 19.13 24.66
CA GLN B 52 8.98 18.90 24.64
C GLN B 52 9.67 20.09 23.97
N ARG B 53 9.18 20.43 22.78
CA ARG B 53 9.65 21.57 21.97
C ARG B 53 9.71 22.85 22.81
N ARG B 54 8.62 23.09 23.54
CA ARG B 54 8.46 24.31 24.28
C ARG B 54 9.23 24.32 25.60
N GLY B 55 9.76 23.18 26.02
CA GLY B 55 10.43 23.11 27.33
C GLY B 55 9.44 23.00 28.46
N GLU B 56 8.16 22.69 28.14
CA GLU B 56 7.08 22.54 29.13
C GLU B 56 7.02 21.13 29.70
N TRP B 57 8.10 20.73 30.35
CA TRP B 57 8.25 19.36 30.82
C TRP B 57 7.33 19.05 31.93
N ASP B 58 7.15 20.05 32.82
CA ASP B 58 6.18 19.84 33.92
C ASP B 58 4.79 19.49 33.39
N LYS B 59 4.38 20.17 32.32
CA LYS B 59 3.10 19.85 31.71
C LYS B 59 3.02 18.38 31.23
N THR B 60 4.03 17.87 30.53
CA THR B 60 4.01 16.45 30.13
C THR B 60 3.95 15.54 31.33
N GLY B 61 4.68 15.87 32.40
CA GLY B 61 4.60 15.17 33.66
C GLY B 61 3.17 15.16 34.19
N ASP B 62 2.54 16.30 34.17
CA ASP B 62 1.08 16.34 34.56
C ASP B 62 0.24 15.37 33.68
N ILE B 63 0.34 15.48 32.36
CA ILE B 63 -0.41 14.62 31.45
C ILE B 63 -0.21 13.12 31.74
N LEU B 64 1.06 12.72 31.91
CA LEU B 64 1.41 11.34 32.04
C LEU B 64 1.02 10.84 33.42
N ALA B 65 1.11 11.65 34.46
CA ALA B 65 0.71 11.18 35.81
C ALA B 65 -0.77 10.94 35.85
N GLU B 66 -1.53 11.84 35.23
CA GLU B 66 -2.99 11.64 35.21
C GLU B 66 -3.34 10.41 34.37
N ALA B 67 -2.65 10.18 33.25
CA ALA B 67 -2.94 8.94 32.49
C ALA B 67 -2.68 7.74 33.39
N ALA B 68 -1.58 7.80 34.17
CA ALA B 68 -1.21 6.65 34.99
C ALA B 68 -2.30 6.39 36.04
N LEU B 69 -2.75 7.47 36.67
CA LEU B 69 -3.82 7.36 37.67
C LEU B 69 -5.05 6.79 37.05
N GLY B 70 -5.38 7.20 35.83
CA GLY B 70 -6.53 6.64 35.12
C GLY B 70 -6.40 5.15 34.84
N LEU B 71 -5.21 4.70 34.51
CA LEU B 71 -4.96 3.23 34.39
C LEU B 71 -5.10 2.48 35.71
N GLN B 72 -4.57 3.10 36.77
CA GLN B 72 -4.69 2.57 38.12
C GLN B 72 -6.17 2.45 38.47
N ARG B 73 -6.99 3.45 38.14
CA ARG B 73 -8.44 3.34 38.41
C ARG B 73 -9.11 2.25 37.62
N ALA B 74 -8.61 1.91 36.46
CA ALA B 74 -9.20 0.83 35.70
C ALA B 74 -8.69 -0.56 36.14
N GLY B 75 -7.75 -0.63 37.11
CA GLY B 75 -7.19 -1.93 37.51
C GLY B 75 -5.71 -2.24 37.21
N ALA B 76 -4.93 -1.30 36.70
CA ALA B 76 -3.50 -1.56 36.40
C ALA B 76 -2.73 -1.80 37.74
N GLU B 77 -1.72 -2.66 37.72
CA GLU B 77 -0.99 -2.99 38.93
C GLU B 77 0.49 -2.67 38.82
N GLY B 78 0.88 -2.06 37.70
CA GLY B 78 2.24 -1.70 37.38
C GLY B 78 2.21 -0.77 36.20
N ILE B 79 3.18 0.16 36.15
CA ILE B 79 3.26 1.15 35.08
C ILE B 79 4.51 0.93 34.30
N VAL B 80 4.30 0.83 32.98
CA VAL B 80 5.34 0.80 31.96
C VAL B 80 5.21 2.01 30.99
N LEU B 81 6.27 2.85 30.91
CA LEU B 81 6.20 4.02 30.02
C LEU B 81 6.93 3.72 28.74
N CYS B 82 6.21 3.71 27.63
CA CYS B 82 6.77 3.10 26.42
C CYS B 82 7.53 4.11 25.63
N THR B 83 8.55 4.71 26.26
CA THR B 83 9.31 5.82 25.70
C THR B 83 10.45 6.14 26.66
N ASN B 84 11.63 6.15 26.09
CA ASN B 84 12.82 6.49 26.90
C ASN B 84 12.83 7.95 27.24
N THR B 85 12.72 8.78 26.22
CA THR B 85 12.72 10.22 26.38
C THR B 85 11.85 10.74 27.54
N MET B 86 10.59 10.30 27.59
CA MET B 86 9.67 10.79 28.62
C MET B 86 10.01 10.33 30.00
N HIS B 87 11.04 9.47 30.14
CA HIS B 87 11.53 9.16 31.49
C HIS B 87 12.14 10.40 32.16
N LYS B 88 12.34 11.47 31.44
CA LYS B 88 12.71 12.74 32.02
C LYS B 88 11.66 13.23 32.97
N VAL B 89 10.41 12.83 32.79
CA VAL B 89 9.41 13.20 33.72
C VAL B 89 8.93 12.00 34.55
N ALA B 90 9.74 10.96 34.67
CA ALA B 90 9.37 9.72 35.39
C ALA B 90 9.05 9.98 36.86
N ASP B 91 9.78 10.95 37.43
CA ASP B 91 9.52 11.34 38.82
C ASP B 91 8.18 11.94 39.08
N ALA B 92 7.60 12.72 38.18
CA ALA B 92 6.21 13.16 38.43
C ALA B 92 5.23 12.01 38.40
N ILE B 93 5.53 11.00 37.58
CA ILE B 93 4.66 9.83 37.38
C ILE B 93 4.81 8.86 38.54
N GLU B 94 6.05 8.66 38.95
CA GLU B 94 6.39 7.72 40.01
C GLU B 94 5.91 8.23 41.36
N SER B 95 5.81 9.55 41.51
CA SER B 95 5.38 10.11 42.79
C SER B 95 3.85 10.28 42.92
N ARG B 96 3.19 10.49 41.79
CA ARG B 96 1.74 10.71 41.84
C ARG B 96 0.93 9.44 41.52
N CYS B 97 1.55 8.51 40.81
CA CYS B 97 0.93 7.21 40.68
C CYS B 97 1.86 6.27 41.40
N THR B 98 1.32 5.65 42.44
CA THR B 98 2.12 4.83 43.33
C THR B 98 2.10 3.39 43.00
N LEU B 99 1.62 3.01 41.81
CA LEU B 99 1.88 1.66 41.32
C LEU B 99 3.36 1.49 41.16
N PRO B 100 3.86 0.24 41.31
CA PRO B 100 5.21 -0.01 40.83
C PRO B 100 5.52 0.56 39.45
N PHE B 101 6.58 1.36 39.33
CA PHE B 101 6.98 1.98 38.05
C PHE B 101 8.22 1.23 37.56
N LEU B 102 8.07 0.55 36.43
N LEU B 102 8.08 0.60 36.41
CA LEU B 102 9.17 -0.21 35.85
CA LEU B 102 9.19 -0.19 35.88
C LEU B 102 10.00 0.71 34.99
C LEU B 102 10.00 0.70 34.99
N HIS B 103 10.96 1.38 35.61
CA HIS B 103 11.76 2.39 34.93
C HIS B 103 12.52 1.67 33.86
N ILE B 104 12.53 2.19 32.63
CA ILE B 104 13.15 1.56 31.51
C ILE B 104 14.67 1.38 31.66
N ALA B 105 15.31 2.25 32.42
CA ALA B 105 16.77 2.16 32.60
C ALA B 105 17.08 0.98 33.51
N ASP B 106 16.25 0.80 34.56
CA ASP B 106 16.54 -0.18 35.61
C ASP B 106 16.71 -1.56 34.99
N ALA B 107 15.79 -1.94 34.10
CA ALA B 107 15.86 -3.27 33.47
C ALA B 107 17.08 -3.42 32.58
N THR B 108 17.35 -2.37 31.78
CA THR B 108 18.57 -2.30 30.98
C THR B 108 19.82 -2.34 31.89
N GLY B 109 19.79 -1.60 33.00
CA GLY B 109 20.93 -1.53 33.94
C GLY B 109 21.18 -2.85 34.63
N ARG B 110 20.11 -3.59 34.84
CA ARG B 110 20.19 -4.92 35.40
C ARG B 110 20.84 -5.82 34.39
N ALA B 111 20.44 -5.67 33.13
CA ALA B 111 21.03 -6.46 32.02
C ALA B 111 22.52 -6.07 31.75
N ILE B 112 22.83 -4.79 31.77
CA ILE B 112 24.24 -4.39 31.64
C ILE B 112 25.15 -4.97 32.77
N THR B 113 24.75 -4.87 34.05
CA THR B 113 25.61 -5.32 35.17
C THR B 113 25.69 -6.84 35.18
N GLY B 114 24.56 -7.42 34.78
CA GLY B 114 24.41 -8.86 34.52
C GLY B 114 25.41 -9.49 33.58
N ALA B 115 25.69 -8.87 32.43
CA ALA B 115 26.79 -9.31 31.57
C ALA B 115 28.20 -8.93 32.09
N GLY B 116 28.27 -8.33 33.28
CA GLY B 116 29.53 -7.81 33.84
C GLY B 116 30.18 -6.64 33.10
N MET B 117 29.36 -5.69 32.62
CA MET B 117 29.86 -4.49 31.89
C MET B 117 29.61 -3.25 32.73
N THR B 118 30.28 -2.15 32.43
CA THR B 118 30.03 -0.89 33.18
C THR B 118 29.98 0.40 32.33
N ARG B 119 30.55 0.32 31.15
CA ARG B 119 30.73 1.46 30.30
C ARG B 119 30.25 1.02 28.93
N VAL B 120 29.16 1.67 28.48
CA VAL B 120 28.47 1.34 27.24
C VAL B 120 28.24 2.58 26.37
N ALA B 121 27.88 2.33 25.10
CA ALA B 121 27.48 3.39 24.20
C ALA B 121 25.98 3.58 24.36
N LEU B 122 25.52 4.82 24.12
CA LEU B 122 24.06 5.13 24.24
C LEU B 122 23.61 5.88 23.00
N LEU B 123 22.80 5.22 22.17
CA LEU B 123 22.01 5.88 21.10
C LEU B 123 20.55 6.18 21.54
N GLY B 124 20.01 7.34 21.20
CA GLY B 124 18.65 7.74 21.63
C GLY B 124 18.24 9.05 21.03
N THR B 125 17.13 9.64 21.48
CA THR B 125 16.88 11.03 21.15
C THR B 125 18.09 11.87 21.73
N ARG B 126 18.31 13.09 21.24
CA ARG B 126 19.28 14.01 21.87
C ARG B 126 19.09 14.18 23.39
N TYR B 127 17.82 14.22 23.81
CA TYR B 127 17.53 14.32 25.24
C TYR B 127 18.11 13.13 25.95
N THR B 128 17.77 11.92 25.45
CA THR B 128 18.17 10.70 26.11
C THR B 128 19.73 10.55 26.12
N MET B 129 20.37 10.86 25.01
CA MET B 129 21.84 10.84 24.94
C MET B 129 22.57 11.95 25.76
N GLU B 130 22.03 13.17 25.72
CA GLU B 130 22.77 14.33 26.18
C GLU B 130 22.52 14.59 27.67
N GLN B 131 21.30 14.32 28.13
CA GLN B 131 20.92 14.76 29.46
C GLN B 131 21.18 13.72 30.51
N ASP B 132 20.82 14.05 31.77
CA ASP B 132 21.16 13.29 33.00
C ASP B 132 20.05 12.36 33.43
N PHE B 133 18.81 12.56 32.96
CA PHE B 133 17.68 11.82 33.53
C PHE B 133 17.87 10.32 33.39
N TYR B 134 18.31 9.91 32.22
CA TYR B 134 18.47 8.52 31.92
C TYR B 134 19.86 7.99 32.40
N ARG B 135 20.94 8.49 31.83
CA ARG B 135 22.29 8.06 32.23
C ARG B 135 22.61 8.29 33.70
N GLY B 136 22.07 9.36 34.29
CA GLY B 136 22.13 9.55 35.76
C GLY B 136 21.46 8.42 36.52
N ARG B 137 20.35 7.92 36.01
CA ARG B 137 19.72 6.74 36.58
C ARG B 137 20.61 5.50 36.58
N LEU B 138 21.15 5.08 35.41
CA LEU B 138 22.17 4.02 35.33
C LEU B 138 23.43 4.25 36.26
N THR B 139 23.89 5.49 36.34
CA THR B 139 25.02 5.82 37.24
C THR B 139 24.63 5.61 38.72
N GLU B 140 23.54 6.25 39.09
CA GLU B 140 23.04 6.30 40.42
C GLU B 140 22.80 4.89 40.87
N GLN B 141 22.05 4.14 40.06
CA GLN B 141 21.58 2.83 40.49
C GLN B 141 22.58 1.73 40.22
N PHE B 142 23.50 1.92 39.26
CA PHE B 142 24.44 0.86 38.95
C PHE B 142 25.90 1.26 38.69
N SER B 143 26.26 2.53 38.88
CA SER B 143 27.59 3.08 38.56
C SER B 143 28.05 2.90 37.09
N ILE B 144 27.07 2.73 36.20
CA ILE B 144 27.33 2.51 34.79
C ILE B 144 27.49 3.84 34.18
N ASN B 145 28.52 3.96 33.32
CA ASN B 145 28.73 5.16 32.52
C ASN B 145 28.55 4.91 30.99
N CYS B 146 28.07 5.91 30.27
CA CYS B 146 27.79 5.77 28.84
C CYS B 146 28.65 6.70 28.04
N LEU B 147 29.11 6.22 26.89
CA LEU B 147 29.70 7.09 25.88
C LEU B 147 28.61 7.36 24.84
N ILE B 148 28.50 8.60 24.37
CA ILE B 148 27.50 8.95 23.36
C ILE B 148 28.22 9.41 22.10
N PRO B 149 27.53 9.35 20.95
CA PRO B 149 28.15 9.78 19.72
C PRO B 149 28.50 11.28 19.74
N GLU B 150 29.31 11.75 18.79
CA GLU B 150 29.72 13.17 18.74
C GLU B 150 28.51 14.03 18.41
N ALA B 151 28.68 15.35 18.54
CA ALA B 151 27.60 16.31 18.43
C ALA B 151 26.89 16.28 17.07
N ASP B 152 27.65 16.10 15.98
CA ASP B 152 26.98 16.01 14.63
C ASP B 152 26.16 14.72 14.44
N GLU B 153 26.72 13.61 14.87
CA GLU B 153 26.02 12.34 14.79
C GLU B 153 24.79 12.36 15.66
N ARG B 154 24.83 13.06 16.81
CA ARG B 154 23.67 13.08 17.70
C ARG B 154 22.50 13.80 17.05
N ALA B 155 22.82 14.88 16.34
CA ALA B 155 21.81 15.63 15.60
C ALA B 155 21.19 14.73 14.54
N LYS B 156 22.01 14.12 13.67
CA LYS B 156 21.48 13.14 12.71
C LYS B 156 20.68 11.97 13.34
N ILE B 157 21.20 11.43 14.44
CA ILE B 157 20.50 10.33 15.10
C ILE B 157 19.09 10.80 15.49
N ASN B 158 18.99 11.97 16.08
CA ASN B 158 17.72 12.50 16.57
C ASN B 158 16.71 12.81 15.44
N GLN B 159 17.22 13.42 14.35
CA GLN B 159 16.38 13.75 13.17
C GLN B 159 15.76 12.47 12.62
N ILE B 160 16.54 11.39 12.63
CA ILE B 160 16.04 10.11 12.15
C ILE B 160 14.87 9.55 13.03
N ILE B 161 15.02 9.60 14.36
CA ILE B 161 13.93 9.18 15.26
C ILE B 161 12.61 9.97 15.03
N PHE B 162 12.68 11.31 14.93
CA PHE B 162 11.45 12.12 14.95
C PHE B 162 10.76 12.30 13.57
N GLU B 163 11.56 12.41 12.51
CA GLU B 163 11.04 12.58 11.13
C GLU B 163 10.75 11.27 10.39
N GLU B 164 11.44 10.20 10.77
CA GLU B 164 11.27 8.91 10.13
C GLU B 164 10.49 7.95 11.04
N LEU B 165 11.14 7.46 12.10
CA LEU B 165 10.65 6.28 12.85
C LEU B 165 9.27 6.52 13.45
N CYS B 166 9.07 7.71 13.99
CA CYS B 166 7.78 8.10 14.55
C CYS B 166 6.64 8.31 13.53
N LEU B 167 6.99 8.39 12.25
CA LEU B 167 6.01 8.55 11.16
C LEU B 167 6.03 7.32 10.26
N GLY B 168 6.76 6.28 10.70
CA GLY B 168 6.87 5.04 9.92
C GLY B 168 7.70 5.02 8.63
N GLN B 169 8.76 5.83 8.51
CA GLN B 169 9.77 5.62 7.47
C GLN B 169 10.96 4.89 8.09
N PHE B 170 11.17 3.62 7.69
CA PHE B 170 12.36 2.86 8.09
C PHE B 170 13.17 2.58 6.86
N THR B 171 14.45 2.95 6.89
CA THR B 171 15.26 2.91 5.69
C THR B 171 16.66 2.38 5.99
N GLU B 172 17.27 1.75 4.98
CA GLU B 172 18.67 1.29 5.11
C GLU B 172 19.70 2.43 5.26
N ALA B 173 19.42 3.62 4.71
CA ALA B 173 20.33 4.78 4.88
C ALA B 173 20.51 5.07 6.37
N SER B 174 19.37 5.28 7.05
CA SER B 174 19.33 5.46 8.52
C SER B 174 19.98 4.28 9.26
N ARG B 175 19.43 3.09 9.08
CA ARG B 175 19.97 1.86 9.68
C ARG B 175 21.50 1.80 9.54
N ALA B 176 21.98 1.92 8.29
CA ALA B 176 23.41 1.75 8.04
C ALA B 176 24.16 2.79 8.86
N TYR B 177 23.58 3.97 8.92
CA TYR B 177 24.23 5.07 9.63
C TYR B 177 24.44 4.72 11.09
N TYR B 178 23.35 4.36 11.76
CA TYR B 178 23.39 3.91 13.15
C TYR B 178 24.46 2.81 13.32
N ALA B 179 24.48 1.85 12.40
CA ALA B 179 25.57 0.85 12.39
C ALA B 179 26.98 1.44 12.48
N GLN B 180 27.27 2.44 11.67
CA GLN B 180 28.64 2.97 11.57
C GLN B 180 29.07 3.70 12.87
N VAL B 181 28.14 4.48 13.44
CA VAL B 181 28.29 5.13 14.75
C VAL B 181 28.69 4.14 15.88
N ILE B 182 28.10 2.95 15.87
CA ILE B 182 28.43 1.88 16.81
C ILE B 182 29.90 1.49 16.70
N ALA B 183 30.29 1.16 15.46
CA ALA B 183 31.67 0.81 15.15
C ALA B 183 32.61 1.77 15.85
N ARG B 184 32.36 3.05 15.63
CA ARG B 184 33.22 4.11 16.15
C ARG B 184 33.30 4.01 17.68
N LEU B 185 32.16 3.81 18.33
CA LEU B 185 32.11 3.80 19.80
C LEU B 185 32.74 2.57 20.41
N ALA B 186 32.68 1.45 19.69
CA ALA B 186 33.39 0.22 20.10
C ALA B 186 34.87 0.54 20.11
N GLU B 187 35.30 1.21 19.05
CA GLU B 187 36.66 1.61 18.94
C GLU B 187 37.05 2.50 20.10
N GLN B 188 36.09 3.26 20.64
CA GLN B 188 36.31 4.11 21.83
C GLN B 188 36.23 3.36 23.17
N GLY B 189 36.00 2.05 23.14
CA GLY B 189 36.05 1.26 24.39
C GLY B 189 34.70 1.01 25.03
N ALA B 190 33.64 1.43 24.36
CA ALA B 190 32.29 1.06 24.76
C ALA B 190 32.21 -0.45 24.67
N GLN B 191 31.73 -1.08 25.74
CA GLN B 191 31.65 -2.56 25.86
C GLN B 191 30.32 -3.09 25.32
N GLY B 192 29.39 -2.16 25.07
CA GLY B 192 28.04 -2.52 24.62
C GLY B 192 27.29 -1.30 24.18
N VAL B 193 26.14 -1.49 23.52
CA VAL B 193 25.32 -0.37 23.05
C VAL B 193 23.86 -0.54 23.40
N ILE B 194 23.33 0.48 24.06
CA ILE B 194 21.95 0.55 24.44
C ILE B 194 21.21 1.24 23.31
N PHE B 195 20.22 0.57 22.73
CA PHE B 195 19.26 1.22 21.83
C PHE B 195 18.25 1.91 22.72
N GLY B 196 18.57 3.16 23.05
CA GLY B 196 17.90 3.92 24.13
C GLY B 196 16.74 4.78 23.64
N SER B 197 16.20 4.42 22.48
CA SER B 197 14.91 4.89 22.03
C SER B 197 14.17 3.61 21.68
N THR B 198 12.88 3.57 22.01
CA THR B 198 12.06 2.35 21.82
C THR B 198 11.67 2.03 20.35
N GLU B 199 12.29 2.72 19.40
CA GLU B 199 12.03 2.51 17.98
C GLU B 199 13.30 2.39 17.14
N ILE B 200 14.44 2.14 17.82
CA ILE B 200 15.73 1.80 17.19
C ILE B 200 15.83 0.28 17.01
N GLY B 201 14.97 -0.42 17.75
CA GLY B 201 14.69 -1.84 17.54
C GLY B 201 13.78 -2.08 16.34
N LEU B 202 13.02 -1.06 15.90
CA LEU B 202 12.14 -1.17 14.71
C LEU B 202 12.88 -0.86 13.41
N LEU B 203 14.14 -0.42 13.52
CA LEU B 203 14.95 -0.01 12.36
C LEU B 203 16.19 -0.87 12.16
N VAL B 204 16.95 -1.15 13.21
CA VAL B 204 18.20 -1.91 13.09
C VAL B 204 17.98 -3.37 13.53
N PRO B 205 18.15 -4.33 12.60
CA PRO B 205 18.37 -5.73 12.97
C PRO B 205 19.62 -5.94 13.83
N GLU B 206 19.42 -6.51 15.03
CA GLU B 206 20.48 -6.77 16.04
C GLU B 206 21.85 -7.17 15.50
N GLU B 207 21.87 -7.86 14.36
CA GLU B 207 23.08 -8.55 13.87
C GLU B 207 23.98 -7.70 12.97
N ARG B 208 23.70 -6.39 12.90
CA ARG B 208 24.60 -5.45 12.26
C ARG B 208 25.55 -4.81 13.28
N SER B 209 25.41 -5.20 14.55
CA SER B 209 26.11 -4.51 15.63
C SER B 209 27.51 -5.09 15.85
N VAL B 210 28.48 -4.22 16.02
CA VAL B 210 29.79 -4.70 16.42
C VAL B 210 29.89 -4.72 17.95
N LEU B 211 28.91 -4.16 18.65
CA LEU B 211 28.89 -4.23 20.11
C LEU B 211 27.69 -5.04 20.50
N PRO B 212 27.76 -5.69 21.69
CA PRO B 212 26.58 -6.35 22.26
C PRO B 212 25.43 -5.33 22.32
N VAL B 213 24.19 -5.77 22.08
CA VAL B 213 23.02 -4.90 22.04
C VAL B 213 22.15 -5.04 23.28
N PHE B 214 21.79 -3.90 23.85
CA PHE B 214 20.80 -3.84 24.87
C PHE B 214 19.63 -3.04 24.27
N ASP B 215 18.62 -3.76 23.81
CA ASP B 215 17.43 -3.14 23.20
C ASP B 215 16.37 -2.82 24.29
N THR B 216 16.14 -1.53 24.55
CA THR B 216 15.30 -1.14 25.68
C THR B 216 13.87 -1.58 25.57
N ALA B 217 13.26 -1.53 24.38
CA ALA B 217 11.88 -2.02 24.20
C ALA B 217 11.72 -3.51 24.53
N ALA B 218 12.67 -4.28 24.03
CA ALA B 218 12.66 -5.72 24.22
C ALA B 218 12.87 -6.03 25.66
N ILE B 219 13.89 -5.41 26.28
CA ILE B 219 14.21 -5.61 27.69
C ILE B 219 13.07 -5.12 28.53
N HIS B 220 12.50 -3.97 28.15
CA HIS B 220 11.39 -3.39 28.96
C HIS B 220 10.16 -4.32 28.93
N ALA B 221 9.82 -4.82 27.76
CA ALA B 221 8.70 -5.73 27.65
C ALA B 221 8.94 -7.01 28.39
N GLU B 222 10.19 -7.48 28.45
CA GLU B 222 10.54 -8.67 29.24
C GLU B 222 10.45 -8.39 30.69
N ASP B 223 10.88 -7.22 31.13
CA ASP B 223 10.76 -6.84 32.53
C ASP B 223 9.25 -6.74 32.92
N ALA B 224 8.44 -6.21 32.03
CA ALA B 224 6.94 -6.17 32.25
C ALA B 224 6.37 -7.57 32.51
N VAL B 225 6.78 -8.56 31.67
CA VAL B 225 6.26 -9.94 31.77
C VAL B 225 6.72 -10.52 33.05
N ALA B 226 7.99 -10.30 33.43
CA ALA B 226 8.51 -10.84 34.73
C ALA B 226 7.76 -10.26 35.94
N PHE B 227 7.45 -8.97 35.86
CA PHE B 227 6.73 -8.32 36.97
C PHE B 227 5.31 -8.85 37.04
N MET B 228 4.70 -9.02 35.89
CA MET B 228 3.35 -9.52 35.82
C MET B 228 3.20 -10.97 36.41
N LEU B 229 4.22 -11.80 36.20
CA LEU B 229 4.23 -13.10 36.73
C LEU B 229 5.07 -13.27 38.01
N SER B 230 5.57 -12.15 38.57
CA SER B 230 6.42 -12.15 39.75
C SER B 230 7.61 -13.18 39.66
N LEU B 231 8.32 -13.11 38.55
CA LEU B 231 9.49 -13.94 38.23
C LEU B 231 10.79 -13.17 38.36
N GLU B 232 11.88 -13.94 38.52
CA GLU B 232 13.25 -13.35 38.47
C GLU B 232 13.38 -12.19 39.45
N HIS B 233 13.78 -11.00 39.02
CA HIS B 233 13.96 -9.87 39.93
C HIS B 233 12.71 -9.50 40.70
N HIS B 234 11.54 -9.75 40.09
CA HIS B 234 10.28 -9.46 40.73
C HIS B 234 9.74 -10.60 41.64
N HIS B 235 10.63 -11.51 42.08
CA HIS B 235 10.58 -12.26 43.39
C HIS B 235 10.25 -13.73 43.21
N MET C 1 14.27 10.78 -32.66
CA MET C 1 14.51 9.65 -31.75
C MET C 1 14.01 8.47 -32.49
N LYS C 2 14.57 7.33 -32.18
CA LYS C 2 14.13 6.05 -32.74
C LYS C 2 12.93 5.58 -31.93
N THR C 3 12.04 4.82 -32.56
CA THR C 3 10.87 4.28 -31.88
C THR C 3 11.27 2.97 -31.25
N ILE C 4 11.04 2.81 -29.98
CA ILE C 4 11.30 1.53 -29.30
C ILE C 4 10.08 0.69 -29.29
N GLY C 5 10.29 -0.59 -29.50
CA GLY C 5 9.21 -1.56 -29.30
C GLY C 5 9.42 -2.36 -28.02
N LEU C 6 8.39 -2.37 -27.20
CA LEU C 6 8.38 -3.08 -25.92
C LEU C 6 7.54 -4.35 -26.04
N LEU C 7 8.05 -5.47 -25.55
CA LEU C 7 7.28 -6.70 -25.42
C LEU C 7 7.00 -6.85 -23.97
N GLY C 8 5.73 -6.62 -23.60
CA GLY C 8 5.31 -6.56 -22.19
C GLY C 8 4.06 -7.36 -21.85
N GLY C 9 3.44 -7.03 -20.69
CA GLY C 9 2.34 -7.84 -20.21
C GLY C 9 2.82 -9.07 -19.46
N MET C 10 4.11 -9.09 -19.09
CA MET C 10 4.68 -10.27 -18.43
C MET C 10 5.38 -10.00 -17.09
N SER C 11 4.71 -9.46 -16.08
CA SER C 11 3.27 -9.11 -16.02
C SER C 11 3.06 -7.61 -16.43
N TRP C 12 1.80 -7.20 -16.72
CA TRP C 12 1.48 -5.83 -17.02
C TRP C 12 1.93 -4.88 -15.90
N GLU C 13 1.88 -5.36 -14.68
CA GLU C 13 2.38 -4.58 -13.52
C GLU C 13 3.84 -4.20 -13.66
N SER C 14 4.65 -5.10 -14.17
CA SER C 14 6.06 -4.81 -14.38
C SER C 14 6.35 -4.03 -15.67
N THR C 15 5.38 -3.95 -16.59
CA THR C 15 5.48 -3.17 -17.76
C THR C 15 5.29 -1.67 -17.57
N ILE C 16 4.47 -1.26 -16.59
CA ILE C 16 4.23 0.12 -16.34
C ILE C 16 5.52 0.90 -16.03
N PRO C 17 6.38 0.37 -15.12
CA PRO C 17 7.65 1.10 -14.88
C PRO C 17 8.55 1.21 -16.07
N TYR C 18 8.56 0.24 -16.97
CA TYR C 18 9.22 0.45 -18.27
C TYR C 18 8.68 1.60 -19.03
N TYR C 19 7.35 1.70 -19.14
CA TYR C 19 6.81 2.84 -19.91
C TYR C 19 7.09 4.19 -19.22
N ARG C 20 6.89 4.21 -17.91
N ARG C 20 6.87 4.19 -17.91
CA ARG C 20 7.14 5.41 -17.10
CA ARG C 20 7.12 5.33 -17.01
C ARG C 20 8.58 5.86 -17.26
C ARG C 20 8.54 5.84 -17.20
N LEU C 21 9.51 4.94 -17.02
CA LEU C 21 10.92 5.34 -16.99
C LEU C 21 11.48 5.66 -18.36
N ILE C 22 10.97 5.04 -19.41
CA ILE C 22 11.40 5.47 -20.75
C ILE C 22 10.90 6.90 -21.05
N ASN C 23 9.66 7.21 -20.72
CA ASN C 23 9.18 8.53 -20.90
C ASN C 23 9.95 9.53 -20.02
N GLU C 24 10.18 9.20 -18.77
CA GLU C 24 10.94 10.08 -17.86
C GLU C 24 12.37 10.29 -18.37
N GLY C 25 12.99 9.24 -18.87
CA GLY C 25 14.32 9.33 -19.51
C GLY C 25 14.35 10.28 -20.68
N ILE C 26 13.37 10.15 -21.56
CA ILE C 26 13.28 11.05 -22.73
C ILE C 26 13.00 12.52 -22.35
N LYS C 27 11.96 12.76 -21.55
CA LYS C 27 11.68 14.11 -21.08
C LYS C 27 12.94 14.73 -20.45
N GLN C 28 13.65 13.98 -19.62
CA GLN C 28 14.92 14.46 -18.99
C GLN C 28 15.93 14.86 -20.03
N ARG C 29 16.08 14.09 -21.10
CA ARG C 29 17.14 14.40 -22.05
C ARG C 29 16.78 15.38 -23.17
N LEU C 30 15.51 15.43 -23.58
CA LEU C 30 15.06 16.37 -24.61
C LEU C 30 14.35 17.63 -24.09
N GLY C 31 13.89 17.68 -22.86
CA GLY C 31 13.21 18.85 -22.36
C GLY C 31 11.71 19.03 -22.74
N GLY C 32 11.08 19.97 -22.02
CA GLY C 32 9.77 20.49 -22.39
C GLY C 32 8.78 19.36 -22.43
N LEU C 33 8.00 19.30 -23.49
CA LEU C 33 6.89 18.34 -23.54
C LEU C 33 7.32 17.05 -24.25
N HIS C 34 8.62 16.85 -24.50
CA HIS C 34 9.02 15.65 -25.26
C HIS C 34 8.67 14.40 -24.49
N SER C 35 8.14 13.40 -25.20
CA SER C 35 7.88 12.09 -24.58
C SER C 35 8.33 11.05 -25.58
N ALA C 36 8.41 9.83 -25.12
CA ALA C 36 9.11 8.77 -25.85
C ALA C 36 8.26 8.24 -27.01
N GLN C 37 8.86 7.89 -28.12
CA GLN C 37 8.18 7.17 -29.18
C GLN C 37 8.26 5.68 -28.85
N VAL C 38 7.12 5.11 -28.47
CA VAL C 38 7.04 3.73 -27.98
C VAL C 38 5.92 2.97 -28.66
N LEU C 39 6.23 1.72 -29.07
CA LEU C 39 5.23 0.77 -29.51
C LEU C 39 5.26 -0.36 -28.48
N LEU C 40 4.14 -0.65 -27.80
CA LEU C 40 4.06 -1.73 -26.86
C LEU C 40 3.08 -2.84 -27.31
N HIS C 41 3.53 -4.07 -27.22
CA HIS C 41 2.69 -5.24 -27.39
C HIS C 41 2.62 -5.89 -26.03
N SER C 42 1.44 -5.82 -25.45
CA SER C 42 1.20 -6.45 -24.19
C SER C 42 0.47 -7.77 -24.43
N VAL C 43 1.11 -8.86 -24.05
CA VAL C 43 0.51 -10.19 -24.17
C VAL C 43 -0.54 -10.45 -23.11
N ASP C 44 -1.35 -11.47 -23.40
CA ASP C 44 -2.11 -12.15 -22.36
C ASP C 44 -1.17 -13.11 -21.66
N PHE C 45 -0.80 -12.80 -20.45
CA PHE C 45 0.25 -13.51 -19.71
C PHE C 45 -0.17 -14.95 -19.44
N HIS C 46 -1.45 -15.24 -19.33
CA HIS C 46 -1.92 -16.64 -19.22
C HIS C 46 -1.25 -17.60 -20.20
N GLU C 47 -1.23 -17.18 -21.46
CA GLU C 47 -0.76 -18.05 -22.51
C GLU C 47 0.75 -18.28 -22.37
N ILE C 48 1.49 -17.21 -22.09
CA ILE C 48 2.93 -17.28 -21.89
C ILE C 48 3.30 -18.16 -20.68
N GLU C 49 2.58 -17.96 -19.58
CA GLU C 49 2.83 -18.70 -18.36
C GLU C 49 2.48 -20.15 -18.51
N GLU C 50 1.37 -20.47 -19.19
CA GLU C 50 1.05 -21.87 -19.45
C GLU C 50 2.21 -22.57 -20.18
N CYS C 51 2.77 -21.90 -21.20
CA CYS C 51 3.92 -22.45 -21.98
C CYS C 51 5.18 -22.62 -21.12
N GLN C 52 5.47 -21.67 -20.24
CA GLN C 52 6.66 -21.74 -19.37
C GLN C 52 6.57 -23.00 -18.53
N ARG C 53 5.39 -23.19 -17.99
CA ARG C 53 5.10 -24.19 -17.02
C ARG C 53 5.19 -25.58 -17.69
N ARG C 54 4.63 -25.65 -18.90
CA ARG C 54 4.63 -26.88 -19.68
C ARG C 54 6.02 -27.14 -20.31
N GLY C 55 6.91 -26.17 -20.20
CA GLY C 55 8.26 -26.29 -20.73
C GLY C 55 8.31 -26.21 -22.24
N GLU C 56 7.28 -25.57 -22.81
CA GLU C 56 7.20 -25.38 -24.26
C GLU C 56 7.84 -24.00 -24.62
N TRP C 57 9.17 -23.94 -24.43
CA TRP C 57 9.90 -22.72 -24.72
C TRP C 57 9.94 -22.36 -26.21
N ASP C 58 9.89 -23.33 -27.12
CA ASP C 58 9.81 -22.98 -28.54
C ASP C 58 8.47 -22.27 -28.89
N LYS C 59 7.36 -22.68 -28.26
CA LYS C 59 6.09 -21.96 -28.50
C LYS C 59 6.20 -20.51 -28.02
N THR C 60 6.73 -20.37 -26.82
CA THR C 60 7.02 -19.09 -26.20
C THR C 60 7.89 -18.24 -27.13
N GLY C 61 8.94 -18.81 -27.64
CA GLY C 61 9.75 -18.12 -28.64
C GLY C 61 8.95 -17.65 -29.84
N ASP C 62 8.00 -18.48 -30.32
CA ASP C 62 7.28 -18.15 -31.54
C ASP C 62 6.32 -17.00 -31.28
N ILE C 63 5.68 -17.07 -30.13
CA ILE C 63 4.73 -16.04 -29.74
C ILE C 63 5.43 -14.67 -29.69
N LEU C 64 6.58 -14.61 -29.01
CA LEU C 64 7.25 -13.35 -28.74
C LEU C 64 7.92 -12.83 -29.97
N ALA C 65 8.44 -13.74 -30.79
CA ALA C 65 8.93 -13.35 -32.11
C ALA C 65 7.89 -12.71 -33.05
N GLU C 66 6.73 -13.32 -33.15
CA GLU C 66 5.66 -12.71 -33.93
C GLU C 66 5.22 -11.36 -33.36
N ALA C 67 5.18 -11.24 -32.05
CA ALA C 67 4.90 -9.91 -31.39
C ALA C 67 5.94 -8.89 -31.78
N ALA C 68 7.23 -9.29 -31.75
CA ALA C 68 8.24 -8.38 -32.19
C ALA C 68 8.04 -8.03 -33.65
N LEU C 69 7.73 -8.98 -34.49
CA LEU C 69 7.56 -8.67 -35.92
C LEU C 69 6.38 -7.68 -36.10
N GLY C 70 5.34 -7.85 -35.30
CA GLY C 70 4.17 -6.95 -35.37
C GLY C 70 4.55 -5.51 -35.05
N LEU C 71 5.43 -5.36 -34.05
CA LEU C 71 5.89 -4.08 -33.67
C LEU C 71 6.78 -3.51 -34.76
N GLN C 72 7.60 -4.33 -35.40
CA GLN C 72 8.37 -3.86 -36.52
C GLN C 72 7.44 -3.32 -37.64
N ARG C 73 6.38 -4.05 -37.95
CA ARG C 73 5.39 -3.64 -38.98
C ARG C 73 4.76 -2.31 -38.73
N ALA C 74 4.70 -1.94 -37.46
CA ALA C 74 4.08 -0.69 -37.00
C ALA C 74 5.13 0.47 -36.85
N GLY C 75 6.38 0.15 -37.06
CA GLY C 75 7.44 1.18 -37.05
C GLY C 75 8.48 1.07 -35.92
N ALA C 76 8.48 0.01 -35.14
CA ALA C 76 9.58 -0.14 -34.16
C ALA C 76 10.95 -0.23 -34.78
N GLU C 77 11.97 0.33 -34.12
CA GLU C 77 13.35 0.33 -34.65
C GLU C 77 14.33 -0.39 -33.71
N GLY C 78 13.78 -0.96 -32.66
CA GLY C 78 14.56 -1.71 -31.67
C GLY C 78 13.57 -2.47 -30.83
N ILE C 79 14.05 -3.49 -30.15
CA ILE C 79 13.16 -4.39 -29.34
C ILE C 79 13.71 -4.58 -27.95
N VAL C 80 12.83 -4.30 -26.98
CA VAL C 80 13.03 -4.49 -25.55
C VAL C 80 11.98 -5.50 -25.04
N LEU C 81 12.46 -6.61 -24.48
CA LEU C 81 11.65 -7.58 -23.79
C LEU C 81 11.56 -7.27 -22.30
N CYS C 82 10.36 -6.95 -21.81
CA CYS C 82 10.18 -6.44 -20.42
C CYS C 82 9.97 -7.56 -19.41
N THR C 83 10.93 -8.50 -19.40
CA THR C 83 10.90 -9.67 -18.52
C THR C 83 12.26 -10.37 -18.60
N ASN C 84 12.87 -10.57 -17.46
CA ASN C 84 14.15 -11.28 -17.40
C ASN C 84 13.98 -12.76 -17.77
N THR C 85 13.01 -13.41 -17.18
CA THR C 85 12.78 -14.84 -17.47
C THR C 85 12.66 -15.17 -18.93
N MET C 86 11.91 -14.34 -19.69
CA MET C 86 11.64 -14.68 -21.07
C MET C 86 12.83 -14.49 -21.99
N HIS C 87 13.90 -13.96 -21.45
CA HIS C 87 15.15 -13.93 -22.21
C HIS C 87 15.74 -15.32 -22.38
N LYS C 88 15.18 -16.33 -21.73
CA LYS C 88 15.47 -17.70 -22.16
C LYS C 88 15.21 -17.87 -23.67
N VAL C 89 14.25 -17.15 -24.27
CA VAL C 89 13.99 -17.31 -25.71
C VAL C 89 14.43 -16.13 -26.57
N ALA C 90 15.35 -15.32 -26.05
CA ALA C 90 15.82 -14.12 -26.73
C ALA C 90 16.36 -14.47 -28.11
N ASP C 91 17.05 -15.60 -28.14
CA ASP C 91 17.58 -16.14 -29.40
C ASP C 91 16.55 -16.31 -30.51
N ALA C 92 15.33 -16.80 -30.20
CA ALA C 92 14.32 -16.91 -31.25
C ALA C 92 13.91 -15.53 -31.77
N ILE C 93 13.86 -14.55 -30.87
CA ILE C 93 13.39 -13.24 -31.23
C ILE C 93 14.42 -12.55 -32.12
N GLU C 94 15.66 -12.51 -31.65
CA GLU C 94 16.75 -11.87 -32.35
C GLU C 94 16.99 -12.45 -33.72
N SER C 95 16.79 -13.74 -33.89
CA SER C 95 17.12 -14.37 -35.13
C SER C 95 16.00 -14.22 -36.16
N ARG C 96 14.78 -13.99 -35.69
CA ARG C 96 13.61 -13.86 -36.59
C ARG C 96 13.27 -12.44 -36.90
N CYS C 97 13.49 -11.54 -35.93
CA CYS C 97 13.29 -10.12 -36.14
C CYS C 97 14.66 -9.46 -36.34
N THR C 98 14.86 -8.74 -37.45
CA THR C 98 16.13 -8.13 -37.76
C THR C 98 16.39 -6.88 -37.02
N LEU C 99 15.39 -6.31 -36.34
CA LEU C 99 15.67 -5.13 -35.50
C LEU C 99 16.73 -5.37 -34.43
N PRO C 100 17.49 -4.33 -34.04
CA PRO C 100 18.35 -4.51 -32.87
C PRO C 100 17.56 -4.97 -31.63
N PHE C 101 18.08 -5.97 -30.94
CA PHE C 101 17.52 -6.49 -29.75
C PHE C 101 18.33 -5.99 -28.52
N LEU C 102 17.66 -5.31 -27.59
CA LEU C 102 18.31 -4.76 -26.41
C LEU C 102 18.32 -5.71 -25.24
N HIS C 103 19.37 -6.54 -25.14
CA HIS C 103 19.35 -7.64 -24.18
C HIS C 103 19.44 -7.06 -22.76
N ILE C 104 18.56 -7.51 -21.86
CA ILE C 104 18.60 -7.05 -20.44
C ILE C 104 20.02 -7.34 -19.81
N ALA C 105 20.64 -8.43 -20.17
CA ALA C 105 21.98 -8.79 -19.61
C ALA C 105 23.01 -7.70 -19.88
N ASP C 106 23.00 -7.18 -21.10
CA ASP C 106 23.93 -6.19 -21.58
C ASP C 106 23.69 -4.78 -20.96
N ALA C 107 22.42 -4.39 -20.91
CA ALA C 107 22.03 -3.24 -20.16
C ALA C 107 22.48 -3.36 -18.70
N THR C 108 22.28 -4.49 -18.06
CA THR C 108 22.65 -4.63 -16.66
C THR C 108 24.21 -4.47 -16.48
N GLY C 109 24.98 -5.12 -17.34
CA GLY C 109 26.47 -4.98 -17.32
C GLY C 109 26.94 -3.53 -17.50
N ARG C 110 26.41 -2.87 -18.52
CA ARG C 110 26.74 -1.46 -18.73
C ARG C 110 26.40 -0.63 -17.50
N ALA C 111 25.27 -0.89 -16.84
CA ALA C 111 24.93 -0.17 -15.63
C ALA C 111 25.94 -0.49 -14.49
N ILE C 112 26.25 -1.76 -14.33
CA ILE C 112 27.11 -2.18 -13.26
C ILE C 112 28.52 -1.59 -13.42
N THR C 113 29.13 -1.80 -14.58
CA THR C 113 30.48 -1.28 -14.78
C THR C 113 30.45 0.26 -14.86
N GLY C 114 29.31 0.85 -15.22
CA GLY C 114 29.15 2.31 -15.17
C GLY C 114 29.23 2.86 -13.76
N ALA C 115 29.01 2.01 -12.77
CA ALA C 115 29.12 2.40 -11.36
C ALA C 115 30.46 2.01 -10.74
N GLY C 116 31.34 1.40 -11.54
CA GLY C 116 32.66 1.00 -11.07
C GLY C 116 32.67 -0.37 -10.40
N MET C 117 31.52 -1.03 -10.38
CA MET C 117 31.36 -2.27 -9.63
C MET C 117 31.84 -3.46 -10.45
N THR C 118 32.34 -4.46 -9.73
CA THR C 118 32.96 -5.66 -10.33
C THR C 118 32.40 -6.95 -9.70
N ARG C 119 31.74 -6.82 -8.57
CA ARG C 119 31.17 -7.94 -7.84
C ARG C 119 29.77 -7.50 -7.42
N VAL C 120 28.77 -8.22 -7.95
CA VAL C 120 27.35 -7.98 -7.68
C VAL C 120 26.67 -9.33 -7.31
N ALA C 121 25.43 -9.28 -6.79
CA ALA C 121 24.53 -10.45 -6.61
C ALA C 121 23.18 -10.36 -7.41
N LEU C 122 22.51 -11.50 -7.63
CA LEU C 122 21.28 -11.57 -8.45
C LEU C 122 20.12 -12.36 -7.81
N LEU C 123 18.96 -11.71 -7.68
CA LEU C 123 17.63 -12.33 -7.43
C LEU C 123 16.70 -12.31 -8.67
N GLY C 124 15.81 -13.29 -8.79
CA GLY C 124 14.83 -13.34 -9.87
C GLY C 124 14.04 -14.63 -9.81
N THR C 125 13.34 -15.00 -10.89
CA THR C 125 12.61 -16.29 -10.92
C THR C 125 13.62 -17.42 -10.76
N ARG C 126 13.14 -18.65 -10.55
CA ARG C 126 14.01 -19.86 -10.61
C ARG C 126 14.89 -19.90 -11.88
N TYR C 127 14.28 -19.69 -13.03
CA TYR C 127 15.03 -19.79 -14.30
C TYR C 127 16.19 -18.80 -14.34
N THR C 128 15.88 -17.54 -14.04
CA THR C 128 16.86 -16.48 -14.13
C THR C 128 18.10 -16.73 -13.25
N MET C 129 17.86 -17.16 -12.02
CA MET C 129 18.98 -17.23 -11.06
C MET C 129 19.96 -18.37 -11.36
N GLU C 130 19.46 -19.53 -11.76
CA GLU C 130 20.29 -20.72 -11.89
C GLU C 130 20.71 -21.09 -13.29
N GLN C 131 19.96 -20.65 -14.30
CA GLN C 131 20.30 -21.02 -15.67
C GLN C 131 21.23 -20.04 -16.31
N ASP C 132 21.66 -20.34 -17.53
CA ASP C 132 22.72 -19.57 -18.19
C ASP C 132 22.27 -18.31 -18.93
N PHE C 133 21.00 -18.22 -19.29
CA PHE C 133 20.60 -17.21 -20.30
C PHE C 133 20.78 -15.76 -19.88
N TYR C 134 20.57 -15.44 -18.60
CA TYR C 134 20.83 -14.10 -18.07
C TYR C 134 22.23 -14.00 -17.42
N ARG C 135 22.47 -14.89 -16.46
CA ARG C 135 23.73 -14.88 -15.68
C ARG C 135 24.94 -14.95 -16.53
N GLY C 136 24.92 -15.93 -17.41
CA GLY C 136 26.07 -16.28 -18.23
C GLY C 136 26.31 -15.26 -19.30
N ARG C 137 25.24 -14.60 -19.77
CA ARG C 137 25.45 -13.58 -20.76
C ARG C 137 26.14 -12.36 -20.11
N LEU C 138 25.67 -12.03 -18.92
CA LEU C 138 26.18 -10.90 -18.14
C LEU C 138 27.67 -11.07 -17.89
N THR C 139 28.08 -12.26 -17.51
CA THR C 139 29.45 -12.45 -17.09
C THR C 139 30.32 -12.56 -18.30
N GLU C 140 29.80 -13.22 -19.34
CA GLU C 140 30.54 -13.39 -20.59
C GLU C 140 30.96 -12.07 -21.17
N GLN C 141 30.09 -11.08 -21.10
CA GLN C 141 30.28 -9.85 -21.84
C GLN C 141 31.04 -8.81 -21.02
N PHE C 142 30.98 -8.90 -19.69
CA PHE C 142 31.53 -7.83 -18.86
C PHE C 142 32.59 -8.29 -17.86
N SER C 143 32.78 -9.61 -17.74
CA SER C 143 33.78 -10.17 -16.81
C SER C 143 33.45 -9.58 -15.46
N ILE C 144 32.25 -9.91 -15.02
CA ILE C 144 31.67 -9.44 -13.80
C ILE C 144 31.46 -10.69 -12.93
N ASN C 145 31.76 -10.50 -11.65
CA ASN C 145 31.65 -11.51 -10.63
C ASN C 145 30.24 -11.44 -10.09
N CYS C 146 29.37 -12.36 -10.51
CA CYS C 146 27.93 -12.27 -10.16
C CYS C 146 27.44 -13.43 -9.35
N LEU C 147 27.36 -13.22 -8.03
CA LEU C 147 26.87 -14.22 -7.09
C LEU C 147 25.38 -14.34 -7.10
N ILE C 148 24.88 -15.45 -6.55
CA ILE C 148 23.43 -15.70 -6.40
C ILE C 148 23.16 -16.30 -5.03
N PRO C 149 21.87 -16.29 -4.57
CA PRO C 149 21.58 -16.83 -3.23
C PRO C 149 22.01 -18.27 -3.09
N GLU C 150 21.92 -18.82 -1.88
CA GLU C 150 21.98 -20.27 -1.70
C GLU C 150 20.60 -20.91 -1.97
N ALA C 151 20.61 -22.21 -2.21
CA ALA C 151 19.44 -22.99 -2.65
C ALA C 151 18.14 -22.71 -1.89
N ASP C 152 18.23 -22.71 -0.57
CA ASP C 152 17.11 -22.35 0.32
C ASP C 152 16.12 -21.31 -0.25
N GLU C 153 16.58 -20.08 -0.41
CA GLU C 153 15.69 -18.93 -0.72
C GLU C 153 15.04 -18.90 -2.13
N ARG C 154 15.38 -19.88 -2.97
CA ARG C 154 15.02 -19.80 -4.38
C ARG C 154 13.56 -20.14 -4.68
N ALA C 155 13.03 -21.19 -4.05
CA ALA C 155 11.72 -21.69 -4.42
C ALA C 155 10.54 -20.83 -3.94
N LYS C 156 10.69 -20.09 -2.84
CA LYS C 156 9.62 -19.18 -2.35
C LYS C 156 9.62 -17.78 -3.05
N ILE C 157 10.83 -17.30 -3.35
CA ILE C 157 11.03 -16.13 -4.19
C ILE C 157 10.12 -16.27 -5.43
N ASN C 158 10.26 -17.38 -6.13
CA ASN C 158 9.44 -17.59 -7.31
C ASN C 158 7.91 -17.53 -7.02
N GLN C 159 7.48 -18.12 -5.89
CA GLN C 159 6.06 -18.12 -5.47
C GLN C 159 5.51 -16.72 -5.36
N ILE C 160 6.30 -15.90 -4.66
CA ILE C 160 5.96 -14.50 -4.43
C ILE C 160 5.75 -13.76 -5.76
N ILE C 161 6.61 -14.04 -6.75
CA ILE C 161 6.55 -13.27 -8.01
C ILE C 161 5.30 -13.61 -8.86
N PHE C 162 4.93 -14.89 -8.87
CA PHE C 162 3.84 -15.37 -9.71
C PHE C 162 2.52 -15.33 -8.91
N GLU C 163 2.56 -15.96 -7.73
CA GLU C 163 1.39 -16.08 -6.85
C GLU C 163 0.96 -14.73 -6.25
N GLU C 164 1.89 -13.79 -6.14
CA GLU C 164 1.63 -12.50 -5.49
C GLU C 164 1.95 -11.28 -6.37
N LEU C 165 3.21 -11.10 -6.76
CA LEU C 165 3.57 -9.88 -7.50
C LEU C 165 2.86 -9.74 -8.85
N CYS C 166 2.73 -10.83 -9.59
CA CYS C 166 2.10 -10.80 -10.93
C CYS C 166 0.57 -10.52 -10.89
N LEU C 167 0.02 -10.46 -9.66
CA LEU C 167 -1.38 -10.10 -9.40
C LEU C 167 -1.46 -8.77 -8.61
N GLY C 168 -0.34 -8.08 -8.41
CA GLY C 168 -0.34 -6.82 -7.70
C GLY C 168 -0.71 -7.00 -6.24
N GLN C 169 -0.13 -8.02 -5.63
CA GLN C 169 -0.14 -8.22 -4.21
C GLN C 169 1.30 -7.94 -3.78
N PHE C 170 1.50 -6.94 -2.92
CA PHE C 170 2.83 -6.52 -2.49
C PHE C 170 2.92 -6.65 -0.96
N THR C 171 3.03 -7.88 -0.44
CA THR C 171 2.83 -8.14 0.98
C THR C 171 4.10 -7.95 1.83
N GLU C 172 3.97 -7.24 2.96
CA GLU C 172 5.09 -6.95 3.87
C GLU C 172 5.72 -8.23 4.48
N ALA C 173 4.97 -9.33 4.44
CA ALA C 173 5.52 -10.67 4.71
C ALA C 173 6.64 -11.01 3.69
N SER C 174 6.35 -10.73 2.41
CA SER C 174 7.31 -10.99 1.32
C SER C 174 8.47 -9.96 1.24
N ARG C 175 8.14 -8.68 1.40
CA ARG C 175 9.13 -7.62 1.38
C ARG C 175 10.22 -7.85 2.43
N ALA C 176 9.82 -8.29 3.62
CA ALA C 176 10.79 -8.60 4.67
C ALA C 176 11.63 -9.82 4.27
N TYR C 177 10.99 -10.81 3.66
CA TYR C 177 11.70 -12.07 3.34
C TYR C 177 12.82 -11.88 2.28
N TYR C 178 12.46 -11.21 1.18
CA TYR C 178 13.45 -10.62 0.24
C TYR C 178 14.49 -9.72 0.91
N ALA C 179 14.06 -8.87 1.82
CA ALA C 179 15.02 -8.02 2.57
C ALA C 179 16.03 -8.91 3.33
N GLN C 180 15.49 -9.94 3.97
CA GLN C 180 16.26 -10.98 4.69
C GLN C 180 17.34 -11.62 3.79
N VAL C 181 16.90 -12.22 2.70
CA VAL C 181 17.82 -12.83 1.72
C VAL C 181 19.03 -11.94 1.41
N ILE C 182 18.74 -10.69 0.99
CA ILE C 182 19.74 -9.74 0.48
C ILE C 182 20.81 -9.38 1.51
N ALA C 183 20.36 -9.22 2.74
CA ALA C 183 21.20 -8.70 3.80
C ALA C 183 22.60 -9.37 3.95
N ARG C 184 22.69 -10.67 3.72
CA ARG C 184 23.99 -11.35 3.89
C ARG C 184 24.98 -11.25 2.73
N LEU C 185 24.44 -11.15 1.50
CA LEU C 185 25.24 -11.17 0.28
C LEU C 185 26.27 -10.03 0.23
N ALA C 186 25.94 -8.91 0.88
CA ALA C 186 26.88 -7.82 1.08
C ALA C 186 28.09 -8.24 1.90
N GLU C 187 27.87 -9.13 2.88
CA GLU C 187 28.95 -9.68 3.74
C GLU C 187 29.92 -10.48 2.92
N GLN C 188 29.45 -11.01 1.80
CA GLN C 188 30.30 -11.79 0.92
C GLN C 188 31.03 -10.93 -0.08
N GLY C 189 30.90 -9.60 0.03
CA GLY C 189 31.60 -8.68 -0.84
C GLY C 189 30.78 -8.24 -2.06
N ALA C 190 29.52 -8.65 -2.14
CA ALA C 190 28.62 -8.11 -3.16
C ALA C 190 28.50 -6.60 -2.95
N GLN C 191 28.89 -5.81 -3.94
CA GLN C 191 28.78 -4.35 -3.87
C GLN C 191 27.38 -3.83 -4.16
N GLY C 192 26.48 -4.71 -4.60
CA GLY C 192 25.20 -4.30 -5.23
C GLY C 192 24.36 -5.52 -5.57
N VAL C 193 23.09 -5.31 -5.84
CA VAL C 193 22.19 -6.45 -6.00
C VAL C 193 21.26 -6.18 -7.18
N ILE C 194 21.03 -7.21 -8.00
CA ILE C 194 20.27 -7.06 -9.21
C ILE C 194 18.88 -7.62 -8.94
N PHE C 195 17.86 -6.80 -9.15
CA PHE C 195 16.47 -7.27 -9.05
C PHE C 195 16.15 -7.81 -10.41
N GLY C 196 16.36 -9.12 -10.53
CA GLY C 196 16.49 -9.82 -11.82
C GLY C 196 15.16 -10.37 -12.21
N SER C 197 14.13 -9.89 -11.51
CA SER C 197 12.76 -10.04 -12.00
C SER C 197 12.16 -8.66 -12.02
N THR C 198 11.49 -8.38 -13.15
CA THR C 198 10.96 -7.09 -13.42
C THR C 198 9.86 -6.74 -12.41
N GLU C 199 9.21 -7.75 -11.79
CA GLU C 199 8.25 -7.46 -10.67
C GLU C 199 8.88 -7.11 -9.31
N ILE C 200 10.16 -7.36 -9.08
CA ILE C 200 10.70 -7.31 -7.71
C ILE C 200 10.74 -5.86 -7.18
N GLY C 201 11.09 -4.91 -8.04
CA GLY C 201 11.11 -3.48 -7.71
C GLY C 201 9.75 -2.93 -7.27
N LEU C 202 8.65 -3.54 -7.70
CA LEU C 202 7.31 -3.14 -7.20
C LEU C 202 7.16 -3.49 -5.72
N LEU C 203 7.91 -4.49 -5.25
CA LEU C 203 7.77 -4.99 -3.90
C LEU C 203 8.70 -4.30 -2.94
N VAL C 204 9.99 -4.30 -3.28
CA VAL C 204 11.06 -3.96 -2.36
C VAL C 204 11.67 -2.61 -2.74
N PRO C 205 11.31 -1.52 -2.02
CA PRO C 205 11.91 -0.21 -2.34
C PRO C 205 13.42 -0.24 -2.17
N GLU C 206 14.12 0.61 -2.93
CA GLU C 206 15.56 0.62 -2.91
C GLU C 206 15.94 1.09 -1.53
N GLU C 207 16.60 0.20 -0.77
CA GLU C 207 16.74 0.40 0.67
C GLU C 207 15.30 0.61 1.22
N ARG C 208 14.57 -0.46 1.57
CA ARG C 208 15.01 -1.60 2.43
C ARG C 208 15.85 -2.76 1.86
N SER C 209 16.67 -2.54 0.84
CA SER C 209 17.82 -3.40 0.55
C SER C 209 19.10 -2.86 1.21
N VAL C 210 19.87 -3.74 1.84
CA VAL C 210 21.16 -3.38 2.42
C VAL C 210 22.28 -3.08 1.39
N LEU C 211 22.04 -3.45 0.14
CA LEU C 211 22.97 -3.22 -0.94
C LEU C 211 22.30 -2.26 -1.92
N PRO C 212 23.13 -1.51 -2.64
CA PRO C 212 22.66 -0.69 -3.73
C PRO C 212 22.02 -1.61 -4.80
N VAL C 213 20.82 -1.22 -5.19
CA VAL C 213 19.98 -1.98 -6.06
C VAL C 213 20.23 -1.66 -7.53
N PHE C 214 20.32 -2.70 -8.33
CA PHE C 214 20.24 -2.53 -9.78
C PHE C 214 18.88 -3.13 -10.23
N ASP C 215 17.89 -2.26 -10.33
CA ASP C 215 16.51 -2.64 -10.78
C ASP C 215 16.51 -2.81 -12.28
N THR C 216 16.16 -4.00 -12.76
CA THR C 216 16.38 -4.31 -14.20
C THR C 216 15.47 -3.46 -15.10
N ALA C 217 14.26 -3.14 -14.68
CA ALA C 217 13.39 -2.24 -15.47
C ALA C 217 13.98 -0.83 -15.59
N ALA C 218 14.53 -0.30 -14.50
CA ALA C 218 15.13 1.02 -14.52
C ALA C 218 16.36 1.06 -15.46
N ILE C 219 17.20 0.05 -15.30
CA ILE C 219 18.40 -0.11 -16.09
C ILE C 219 18.12 -0.44 -17.56
N HIS C 220 17.20 -1.37 -17.78
CA HIS C 220 16.73 -1.64 -19.11
C HIS C 220 16.09 -0.35 -19.74
N ALA C 221 15.23 0.35 -19.00
CA ALA C 221 14.68 1.65 -19.53
C ALA C 221 15.77 2.68 -19.98
N GLU C 222 16.82 2.77 -19.17
CA GLU C 222 17.89 3.70 -19.45
C GLU C 222 18.59 3.33 -20.74
N ASP C 223 18.80 2.03 -20.92
CA ASP C 223 19.50 1.52 -22.09
C ASP C 223 18.61 1.76 -23.33
N ALA C 224 17.29 1.57 -23.23
CA ALA C 224 16.37 1.94 -24.30
C ALA C 224 16.47 3.41 -24.71
N VAL C 225 16.42 4.30 -23.72
CA VAL C 225 16.50 5.74 -24.01
C VAL C 225 17.81 6.05 -24.71
N ALA C 226 18.89 5.47 -24.22
CA ALA C 226 20.21 5.63 -24.89
C ALA C 226 20.21 5.19 -26.36
N PHE C 227 19.56 4.07 -26.61
CA PHE C 227 19.42 3.59 -27.95
C PHE C 227 18.58 4.54 -28.78
N MET C 228 17.43 4.98 -28.21
CA MET C 228 16.49 5.83 -28.94
C MET C 228 17.14 7.12 -29.32
N LEU C 229 18.05 7.60 -28.48
CA LEU C 229 18.74 8.92 -28.75
C LEU C 229 20.15 8.74 -29.27
N SER C 230 20.54 7.49 -29.60
CA SER C 230 21.92 7.16 -30.10
C SER C 230 23.03 7.69 -29.19
N LEU C 231 22.89 7.39 -27.90
CA LEU C 231 23.78 7.94 -26.91
C LEU C 231 24.75 6.85 -26.40
N GLU C 232 25.88 7.34 -25.89
CA GLU C 232 27.07 6.58 -25.44
C GLU C 232 27.37 5.29 -26.18
N HIS C 233 27.07 4.13 -25.62
CA HIS C 233 27.38 2.88 -26.31
C HIS C 233 26.60 2.78 -27.62
N HIS C 234 25.43 3.42 -27.68
CA HIS C 234 24.65 3.40 -28.90
C HIS C 234 25.02 4.55 -29.84
N HIS C 235 26.02 5.40 -29.50
CA HIS C 235 26.62 6.39 -30.45
C HIS C 235 27.07 5.66 -31.72
N MET D 1 -10.44 -12.83 -26.41
CA MET D 1 -10.73 -11.37 -26.34
C MET D 1 -10.23 -10.69 -27.60
N LYS D 2 -10.80 -9.55 -27.97
CA LYS D 2 -10.24 -8.77 -29.09
C LYS D 2 -9.01 -7.96 -28.65
N THR D 3 -8.00 -7.81 -29.50
CA THR D 3 -6.84 -6.98 -29.17
C THR D 3 -7.23 -5.48 -29.31
N ILE D 4 -7.06 -4.70 -28.25
CA ILE D 4 -7.22 -3.19 -28.35
C ILE D 4 -5.95 -2.46 -28.81
N GLY D 5 -6.10 -1.48 -29.71
CA GLY D 5 -5.15 -0.50 -30.09
C GLY D 5 -5.38 0.82 -29.36
N LEU D 6 -4.37 1.24 -28.59
CA LEU D 6 -4.38 2.47 -27.92
C LEU D 6 -3.43 3.43 -28.60
N LEU D 7 -3.94 4.62 -28.82
CA LEU D 7 -3.16 5.75 -29.25
C LEU D 7 -2.95 6.69 -28.06
N GLY D 8 -1.71 6.73 -27.61
CA GLY D 8 -1.42 7.45 -26.36
C GLY D 8 -0.20 8.34 -26.39
N GLY D 9 0.34 8.62 -25.20
CA GLY D 9 1.46 9.56 -25.12
C GLY D 9 1.02 11.01 -25.19
N MET D 10 -0.26 11.25 -24.89
CA MET D 10 -0.85 12.56 -25.12
C MET D 10 -1.62 13.08 -23.91
N SER D 11 -1.04 13.19 -22.72
CA SER D 11 0.31 12.74 -22.30
C SER D 11 0.52 11.25 -21.88
N TRP D 12 1.81 10.84 -21.81
CA TRP D 12 2.11 9.55 -21.32
C TRP D 12 1.57 9.32 -19.93
N GLU D 13 1.61 10.36 -19.11
CA GLU D 13 1.04 10.30 -17.76
C GLU D 13 -0.37 9.80 -17.79
N SER D 14 -1.16 10.28 -18.75
CA SER D 14 -2.59 9.85 -18.82
C SER D 14 -2.84 8.50 -19.53
N THR D 15 -1.80 7.94 -20.20
CA THR D 15 -1.86 6.66 -20.84
C THR D 15 -1.72 5.54 -19.86
N ILE D 16 -0.95 5.74 -18.79
CA ILE D 16 -0.79 4.66 -17.81
C ILE D 16 -2.14 4.24 -17.18
N PRO D 17 -3.02 5.19 -16.84
CA PRO D 17 -4.31 4.69 -16.33
C PRO D 17 -5.14 3.90 -17.29
N TYR D 18 -5.12 4.22 -18.56
CA TYR D 18 -5.79 3.32 -19.46
C TYR D 18 -5.27 1.92 -19.38
N TYR D 19 -3.94 1.80 -19.42
CA TYR D 19 -3.31 0.51 -19.45
C TYR D 19 -3.64 -0.28 -18.17
N ARG D 20 -3.52 0.40 -17.04
N ARG D 20 -3.55 0.38 -17.04
N ARG D 20 -3.56 0.38 -17.03
CA ARG D 20 -3.79 -0.20 -15.75
CA ARG D 20 -3.80 -0.28 -15.78
CA ARG D 20 -3.80 -0.31 -15.77
C ARG D 20 -5.24 -0.70 -15.70
C ARG D 20 -5.26 -0.73 -15.73
C ARG D 20 -5.26 -0.74 -15.73
N LEU D 21 -6.15 0.15 -16.15
CA LEU D 21 -7.64 -0.12 -15.95
C LEU D 21 -8.15 -1.13 -16.89
N ILE D 22 -7.65 -1.11 -18.13
CA ILE D 22 -7.91 -2.20 -19.05
C ILE D 22 -7.44 -3.57 -18.55
N ASN D 23 -6.16 -3.66 -18.12
CA ASN D 23 -5.67 -4.91 -17.54
C ASN D 23 -6.50 -5.34 -16.34
N GLU D 24 -6.83 -4.41 -15.43
CA GLU D 24 -7.62 -4.74 -14.25
C GLU D 24 -8.98 -5.30 -14.66
N GLY D 25 -9.64 -4.64 -15.62
CA GLY D 25 -11.01 -5.07 -16.09
C GLY D 25 -11.00 -6.48 -16.71
N ILE D 26 -9.97 -6.77 -17.50
CA ILE D 26 -9.84 -8.06 -18.09
C ILE D 26 -9.60 -9.17 -17.07
N LYS D 27 -8.58 -8.99 -16.23
CA LYS D 27 -8.28 -9.86 -15.13
C LYS D 27 -9.47 -10.15 -14.22
N GLN D 28 -10.26 -9.14 -13.96
CA GLN D 28 -11.49 -9.28 -13.16
C GLN D 28 -12.46 -10.23 -13.81
N ARG D 29 -12.70 -10.07 -15.11
CA ARG D 29 -13.65 -10.94 -15.80
C ARG D 29 -13.15 -12.33 -16.25
N LEU D 30 -11.87 -12.44 -16.68
CA LEU D 30 -11.36 -13.66 -17.22
C LEU D 30 -10.69 -14.49 -16.14
N GLY D 31 -10.15 -13.86 -15.12
CA GLY D 31 -9.64 -14.62 -14.01
C GLY D 31 -8.19 -14.99 -14.16
N GLY D 32 -7.68 -15.72 -13.17
CA GLY D 32 -6.26 -16.16 -13.13
C GLY D 32 -5.22 -15.14 -13.50
N LEU D 33 -4.28 -15.56 -14.32
CA LEU D 33 -3.25 -14.67 -14.80
C LEU D 33 -3.58 -14.01 -16.12
N HIS D 34 -4.84 -14.03 -16.53
CA HIS D 34 -5.21 -13.40 -17.81
C HIS D 34 -4.91 -11.93 -17.69
N SER D 35 -4.44 -11.33 -18.79
CA SER D 35 -4.21 -9.90 -18.85
C SER D 35 -4.61 -9.44 -20.25
N ALA D 36 -4.69 -8.15 -20.43
CA ALA D 36 -5.28 -7.54 -21.66
C ALA D 36 -4.30 -7.66 -22.82
N GLN D 37 -4.80 -8.06 -23.98
CA GLN D 37 -4.04 -7.93 -25.23
C GLN D 37 -4.14 -6.49 -25.74
N VAL D 38 -3.02 -5.77 -25.63
CA VAL D 38 -2.98 -4.34 -25.87
C VAL D 38 -1.88 -4.05 -26.84
N LEU D 39 -2.17 -3.27 -27.87
CA LEU D 39 -1.12 -2.74 -28.76
C LEU D 39 -1.20 -1.24 -28.48
N LEU D 40 -0.11 -0.66 -28.04
CA LEU D 40 -0.06 0.76 -27.78
C LEU D 40 0.91 1.47 -28.69
N HIS D 41 0.46 2.54 -29.33
CA HIS D 41 1.34 3.52 -29.98
C HIS D 41 1.42 4.86 -29.20
N SER D 42 2.56 5.14 -28.59
CA SER D 42 2.72 6.38 -27.81
C SER D 42 3.53 7.37 -28.58
N VAL D 43 3.00 8.58 -28.78
CA VAL D 43 3.66 9.55 -29.63
C VAL D 43 4.57 10.43 -28.76
N ASP D 44 5.48 11.16 -29.40
CA ASP D 44 6.19 12.23 -28.77
C ASP D 44 5.26 13.43 -28.79
N PHE D 45 4.77 13.78 -27.62
CA PHE D 45 3.79 14.79 -27.51
C PHE D 45 4.30 16.18 -27.89
N HIS D 46 5.59 16.43 -27.73
CA HIS D 46 6.17 17.65 -28.27
C HIS D 46 5.76 17.89 -29.70
N GLU D 47 5.74 16.88 -30.55
CA GLU D 47 5.38 17.02 -31.97
C GLU D 47 3.89 17.38 -32.12
N ILE D 48 3.04 16.76 -31.33
CA ILE D 48 1.57 17.01 -31.41
C ILE D 48 1.31 18.48 -31.00
N GLU D 49 1.96 18.90 -29.92
CA GLU D 49 1.71 20.19 -29.35
C GLU D 49 2.26 21.29 -30.30
N GLU D 50 3.40 21.05 -30.94
CA GLU D 50 3.87 21.91 -32.01
C GLU D 50 2.86 22.06 -33.15
N CYS D 51 2.23 20.96 -33.54
CA CYS D 51 1.20 21.00 -34.58
C CYS D 51 0.05 21.90 -34.09
N GLN D 52 -0.34 21.73 -32.84
CA GLN D 52 -1.43 22.57 -32.25
C GLN D 52 -1.15 24.07 -32.34
N ARG D 53 0.05 24.48 -31.90
CA ARG D 53 0.52 25.86 -31.94
C ARG D 53 0.39 26.39 -33.36
N ARG D 54 0.82 25.60 -34.32
CA ARG D 54 0.82 26.03 -35.69
C ARG D 54 -0.54 25.90 -36.39
N GLY D 55 -1.55 25.40 -35.73
CA GLY D 55 -2.84 25.14 -36.35
C GLY D 55 -2.87 23.96 -37.35
N GLU D 56 -1.88 23.06 -37.28
CA GLU D 56 -1.79 22.01 -38.28
C GLU D 56 -2.47 20.77 -37.75
N TRP D 57 -3.80 20.84 -37.66
CA TRP D 57 -4.62 19.75 -37.28
C TRP D 57 -4.59 18.60 -38.30
N ASP D 58 -4.61 18.87 -39.58
CA ASP D 58 -4.52 17.75 -40.53
C ASP D 58 -3.23 16.96 -40.39
N LYS D 59 -2.12 17.62 -40.05
CA LYS D 59 -0.87 16.87 -39.81
C LYS D 59 -1.01 15.92 -38.62
N THR D 60 -1.63 16.38 -37.52
CA THR D 60 -1.87 15.49 -36.36
C THR D 60 -2.82 14.38 -36.74
N GLY D 61 -3.89 14.68 -37.49
CA GLY D 61 -4.74 13.63 -38.06
C GLY D 61 -3.96 12.57 -38.89
N ASP D 62 -3.00 13.00 -39.69
CA ASP D 62 -2.13 12.07 -40.44
C ASP D 62 -1.28 11.27 -39.49
N ILE D 63 -0.64 11.92 -38.54
CA ILE D 63 0.21 11.24 -37.59
C ILE D 63 -0.64 10.14 -36.91
N LEU D 64 -1.87 10.47 -36.50
CA LEU D 64 -2.67 9.56 -35.71
C LEU D 64 -3.30 8.47 -36.56
N ALA D 65 -3.71 8.83 -37.79
CA ALA D 65 -4.24 7.82 -38.73
C ALA D 65 -3.19 6.81 -39.07
N GLU D 66 -1.95 7.28 -39.28
CA GLU D 66 -0.90 6.32 -39.63
C GLU D 66 -0.58 5.44 -38.44
N ALA D 67 -0.67 5.99 -37.24
CA ALA D 67 -0.36 5.22 -36.06
C ALA D 67 -1.41 4.14 -35.90
N ALA D 68 -2.69 4.50 -36.18
CA ALA D 68 -3.78 3.54 -36.14
C ALA D 68 -3.58 2.40 -37.14
N LEU D 69 -3.26 2.77 -38.36
CA LEU D 69 -2.99 1.77 -39.40
C LEU D 69 -1.86 0.85 -38.98
N GLY D 70 -0.80 1.41 -38.39
CA GLY D 70 0.29 0.57 -37.86
C GLY D 70 -0.15 -0.44 -36.84
N LEU D 71 -1.07 -0.02 -35.94
CA LEU D 71 -1.57 -0.93 -34.93
C LEU D 71 -2.47 -2.00 -35.57
N GLN D 72 -3.27 -1.61 -36.56
CA GLN D 72 -4.09 -2.59 -37.26
C GLN D 72 -3.12 -3.61 -37.92
N ARG D 73 -2.04 -3.17 -38.50
CA ARG D 73 -1.06 -4.09 -39.12
C ARG D 73 -0.49 -5.11 -38.12
N ALA D 74 -0.40 -4.74 -36.83
CA ALA D 74 0.15 -5.55 -35.79
C ALA D 74 -0.94 -6.34 -35.15
N GLY D 75 -2.15 -6.15 -35.62
CA GLY D 75 -3.24 -6.96 -35.19
C GLY D 75 -4.34 -6.36 -34.29
N ALA D 76 -4.34 -5.07 -34.06
CA ALA D 76 -5.37 -4.47 -33.24
C ALA D 76 -6.76 -4.61 -33.92
N GLU D 77 -7.79 -4.78 -33.12
CA GLU D 77 -9.17 -4.98 -33.64
C GLU D 77 -10.10 -3.78 -33.37
N GLY D 78 -9.63 -2.85 -32.58
CA GLY D 78 -10.28 -1.58 -32.43
C GLY D 78 -9.27 -0.53 -31.95
N ILE D 79 -9.71 0.72 -31.98
CA ILE D 79 -8.90 1.89 -31.67
C ILE D 79 -9.54 2.77 -30.60
N VAL D 80 -8.75 3.04 -29.56
CA VAL D 80 -9.02 3.97 -28.49
C VAL D 80 -7.97 5.06 -28.53
N LEU D 81 -8.43 6.29 -28.65
CA LEU D 81 -7.54 7.51 -28.62
C LEU D 81 -7.54 8.05 -27.24
N CYS D 82 -6.41 7.95 -26.55
CA CYS D 82 -6.31 8.21 -25.13
C CYS D 82 -6.16 9.72 -24.83
N THR D 83 -7.12 10.54 -25.31
CA THR D 83 -7.01 12.01 -25.20
C THR D 83 -8.33 12.57 -25.68
N ASN D 84 -8.89 13.50 -24.91
CA ASN D 84 -10.16 14.09 -25.34
C ASN D 84 -9.92 15.02 -26.53
N THR D 85 -8.94 15.93 -26.40
CA THR D 85 -8.65 16.97 -27.37
C THR D 85 -8.44 16.46 -28.78
N MET D 86 -7.65 15.39 -28.94
CA MET D 86 -7.30 14.95 -30.26
C MET D 86 -8.45 14.26 -30.97
N HIS D 87 -9.56 14.06 -30.28
CA HIS D 87 -10.79 13.69 -30.94
C HIS D 87 -11.22 14.79 -31.93
N LYS D 88 -10.56 15.93 -31.88
CA LYS D 88 -10.78 16.94 -32.87
C LYS D 88 -10.44 16.44 -34.29
N VAL D 89 -9.53 15.44 -34.40
CA VAL D 89 -9.19 14.83 -35.66
C VAL D 89 -9.62 13.40 -35.81
N ALA D 90 -10.66 13.03 -35.07
CA ALA D 90 -11.24 11.66 -35.06
C ALA D 90 -11.75 11.21 -36.42
N ASP D 91 -12.28 12.14 -37.21
CA ASP D 91 -12.65 11.84 -38.63
C ASP D 91 -11.49 11.31 -39.50
N ALA D 92 -10.33 11.92 -39.41
CA ALA D 92 -9.17 11.45 -40.20
C ALA D 92 -8.87 9.99 -39.88
N ILE D 93 -8.84 9.72 -38.58
CA ILE D 93 -8.53 8.38 -38.13
C ILE D 93 -9.63 7.46 -38.59
N GLU D 94 -10.91 7.86 -38.41
CA GLU D 94 -12.00 6.92 -38.69
C GLU D 94 -12.21 6.69 -40.17
N SER D 95 -11.90 7.66 -41.00
CA SER D 95 -11.98 7.46 -42.45
C SER D 95 -10.78 6.77 -43.05
N ARG D 96 -9.59 6.85 -42.45
CA ARG D 96 -8.43 6.13 -43.00
C ARG D 96 -8.20 4.73 -42.49
N CYS D 97 -8.61 4.46 -41.25
CA CYS D 97 -8.51 3.14 -40.61
C CYS D 97 -9.87 2.52 -40.48
N THR D 98 -10.04 1.30 -40.99
CA THR D 98 -11.33 0.60 -41.04
C THR D 98 -11.75 -0.08 -39.73
N LEU D 99 -10.83 -0.17 -38.75
CA LEU D 99 -11.17 -0.66 -37.44
C LEU D 99 -12.25 0.19 -36.75
N PRO D 100 -13.08 -0.44 -35.93
CA PRO D 100 -13.98 0.31 -35.05
C PRO D 100 -13.20 1.30 -34.19
N PHE D 101 -13.73 2.52 -34.05
CA PHE D 101 -13.08 3.53 -33.29
C PHE D 101 -14.00 3.77 -32.10
N LEU D 102 -13.44 3.71 -30.90
CA LEU D 102 -14.28 3.90 -29.66
C LEU D 102 -14.29 5.34 -29.18
N HIS D 103 -15.24 6.16 -29.66
CA HIS D 103 -15.17 7.60 -29.42
C HIS D 103 -15.35 7.83 -27.93
N ILE D 104 -14.56 8.73 -27.38
CA ILE D 104 -14.63 9.00 -25.94
C ILE D 104 -15.94 9.67 -25.56
N ALA D 105 -16.50 10.48 -26.48
CA ALA D 105 -17.80 11.17 -26.24
C ALA D 105 -18.95 10.19 -26.11
N ASP D 106 -18.97 9.19 -26.97
CA ASP D 106 -19.95 8.09 -26.85
C ASP D 106 -19.90 7.35 -25.56
N ALA D 107 -18.70 6.98 -25.09
CA ALA D 107 -18.56 6.30 -23.80
C ALA D 107 -19.01 7.26 -22.71
N THR D 108 -18.60 8.52 -22.83
CA THR D 108 -18.97 9.50 -21.84
C THR D 108 -20.54 9.76 -21.80
N GLY D 109 -21.19 9.87 -22.97
CA GLY D 109 -22.66 10.09 -23.00
C GLY D 109 -23.46 8.89 -22.42
N ARG D 110 -22.99 7.68 -22.70
CA ARG D 110 -23.66 6.51 -22.14
C ARG D 110 -23.53 6.61 -20.62
N ALA D 111 -22.35 6.93 -20.09
CA ALA D 111 -22.21 6.96 -18.65
C ALA D 111 -23.12 8.00 -18.01
N ILE D 112 -23.19 9.21 -18.58
CA ILE D 112 -23.99 10.29 -18.03
C ILE D 112 -25.53 9.98 -18.19
N THR D 113 -25.93 9.41 -19.33
CA THR D 113 -27.35 9.11 -19.56
C THR D 113 -27.69 7.89 -18.71
N GLY D 114 -26.70 6.99 -18.54
CA GLY D 114 -26.80 5.96 -17.48
C GLY D 114 -27.08 6.40 -16.07
N ALA D 115 -26.47 7.49 -15.65
CA ALA D 115 -26.73 8.11 -14.36
C ALA D 115 -28.01 8.96 -14.30
N GLY D 116 -28.74 9.08 -15.40
CA GLY D 116 -29.97 9.86 -15.42
C GLY D 116 -29.75 11.37 -15.36
N MET D 117 -28.57 11.86 -15.78
CA MET D 117 -28.28 13.27 -15.81
C MET D 117 -28.43 13.89 -17.23
N THR D 118 -28.76 15.18 -17.22
CA THR D 118 -29.00 16.00 -18.42
C THR D 118 -28.18 17.24 -18.48
N ARG D 119 -27.62 17.65 -17.35
CA ARG D 119 -26.94 18.94 -17.29
C ARG D 119 -25.72 18.76 -16.44
N VAL D 120 -24.55 18.71 -17.06
CA VAL D 120 -23.27 18.44 -16.38
C VAL D 120 -22.23 19.56 -16.65
N ALA D 121 -21.26 19.67 -15.76
CA ALA D 121 -20.19 20.60 -16.04
C ALA D 121 -19.09 19.90 -16.88
N LEU D 122 -18.37 20.69 -17.68
CA LEU D 122 -17.31 20.17 -18.56
C LEU D 122 -16.03 20.92 -18.34
N LEU D 123 -14.98 20.22 -17.92
CA LEU D 123 -13.65 20.76 -17.83
C LEU D 123 -12.76 19.99 -18.76
N GLY D 124 -11.81 20.71 -19.30
CA GLY D 124 -10.84 20.10 -20.21
C GLY D 124 -10.00 21.18 -20.78
N THR D 125 -9.33 20.91 -21.87
CA THR D 125 -8.63 21.97 -22.65
C THR D 125 -9.69 22.93 -23.23
N ARG D 126 -9.25 24.13 -23.57
N ARG D 126 -9.30 24.16 -23.60
CA ARG D 126 -10.07 25.11 -24.28
CA ARG D 126 -10.26 25.07 -24.28
C ARG D 126 -10.73 24.50 -25.52
C ARG D 126 -10.83 24.40 -25.53
N TYR D 127 -10.02 23.61 -26.22
CA TYR D 127 -10.55 22.99 -27.41
C TYR D 127 -11.71 22.13 -27.06
N THR D 128 -11.53 21.25 -26.06
CA THR D 128 -12.57 20.34 -25.67
C THR D 128 -13.83 21.08 -25.12
N MET D 129 -13.58 22.16 -24.40
CA MET D 129 -14.68 22.88 -23.74
C MET D 129 -15.50 23.74 -24.74
N GLU D 130 -14.80 24.26 -25.78
CA GLU D 130 -15.38 25.21 -26.70
C GLU D 130 -15.81 24.66 -28.07
N GLN D 131 -15.15 23.64 -28.56
CA GLN D 131 -15.41 23.32 -29.94
C GLN D 131 -16.48 22.28 -30.06
N ASP D 132 -16.83 21.89 -31.27
CA ASP D 132 -18.02 21.07 -31.43
C ASP D 132 -17.76 19.55 -31.44
N PHE D 133 -16.50 19.12 -31.48
CA PHE D 133 -16.19 17.71 -31.68
C PHE D 133 -16.49 16.86 -30.44
N TYR D 134 -16.51 17.46 -29.25
CA TYR D 134 -16.75 16.69 -28.02
C TYR D 134 -18.07 17.16 -27.52
N ARG D 135 -18.09 18.44 -27.12
CA ARG D 135 -19.32 19.07 -26.60
C ARG D 135 -20.55 18.98 -27.52
N GLY D 136 -20.33 19.19 -28.81
CA GLY D 136 -21.36 18.93 -29.82
C GLY D 136 -21.87 17.53 -30.03
N ARG D 137 -20.99 16.57 -29.86
N ARG D 137 -20.99 16.55 -29.87
CA ARG D 137 -21.37 15.18 -29.88
CA ARG D 137 -21.38 15.15 -29.93
C ARG D 137 -22.28 14.79 -28.70
C ARG D 137 -22.24 14.73 -28.70
N LEU D 138 -21.97 15.29 -27.52
CA LEU D 138 -22.82 14.99 -26.33
C LEU D 138 -24.27 15.60 -26.45
N THR D 139 -24.33 16.86 -26.88
CA THR D 139 -25.61 17.56 -27.21
C THR D 139 -26.36 16.85 -28.30
N GLU D 140 -25.78 16.94 -29.48
CA GLU D 140 -26.46 16.50 -30.63
C GLU D 140 -26.86 15.04 -30.44
N GLN D 141 -25.98 14.19 -29.92
CA GLN D 141 -26.31 12.75 -29.84
C GLN D 141 -26.81 12.14 -28.52
N PHE D 142 -26.63 12.83 -27.40
CA PHE D 142 -27.15 12.35 -26.14
C PHE D 142 -28.06 13.38 -25.48
N SER D 143 -28.27 14.55 -26.11
CA SER D 143 -29.10 15.63 -25.57
C SER D 143 -28.62 16.04 -24.17
N ILE D 144 -27.32 15.96 -23.90
CA ILE D 144 -26.75 16.47 -22.66
C ILE D 144 -26.40 17.95 -22.74
N ASN D 145 -26.78 18.73 -21.74
CA ASN D 145 -26.34 20.12 -21.67
C ASN D 145 -24.98 20.28 -20.90
N CYS D 146 -23.93 20.79 -21.54
CA CYS D 146 -22.66 21.05 -20.81
C CYS D 146 -22.51 22.48 -20.41
N LEU D 147 -22.44 22.72 -19.13
CA LEU D 147 -21.98 24.00 -18.65
C LEU D 147 -20.44 24.07 -18.71
N ILE D 148 -19.88 25.15 -19.21
CA ILE D 148 -18.42 25.31 -19.10
C ILE D 148 -18.11 26.45 -18.22
N PRO D 149 -16.88 26.51 -17.72
CA PRO D 149 -16.46 27.64 -16.96
C PRO D 149 -16.45 28.91 -17.82
N GLU D 150 -16.38 30.04 -17.18
CA GLU D 150 -16.21 31.30 -17.90
C GLU D 150 -14.82 31.43 -18.54
N ALA D 151 -14.65 32.46 -19.37
CA ALA D 151 -13.48 32.53 -20.23
C ALA D 151 -12.21 32.65 -19.40
N ASP D 152 -12.24 33.48 -18.36
CA ASP D 152 -11.03 33.61 -17.54
C ASP D 152 -10.69 32.29 -16.95
N GLU D 153 -11.72 31.56 -16.51
CA GLU D 153 -11.52 30.24 -15.88
C GLU D 153 -10.98 29.26 -16.91
N ARG D 154 -11.47 29.32 -18.12
CA ARG D 154 -11.05 28.35 -19.16
C ARG D 154 -9.57 28.48 -19.46
N ALA D 155 -9.11 29.73 -19.55
CA ALA D 155 -7.74 30.08 -19.81
C ALA D 155 -6.84 29.55 -18.71
N LYS D 156 -7.25 29.67 -17.45
CA LYS D 156 -6.41 29.16 -16.38
C LYS D 156 -6.38 27.64 -16.23
N ILE D 157 -7.55 27.04 -16.42
CA ILE D 157 -7.71 25.57 -16.48
C ILE D 157 -6.82 24.95 -17.55
N ASN D 158 -6.86 25.54 -18.72
CA ASN D 158 -6.05 25.11 -19.89
C ASN D 158 -4.58 25.29 -19.61
N GLN D 159 -4.23 26.42 -19.05
CA GLN D 159 -2.87 26.67 -18.66
C GLN D 159 -2.35 25.54 -17.78
N ILE D 160 -3.12 25.21 -16.73
CA ILE D 160 -2.76 24.14 -15.81
C ILE D 160 -2.47 22.82 -16.50
N ILE D 161 -3.35 22.44 -17.41
CA ILE D 161 -3.13 21.20 -18.14
C ILE D 161 -1.74 21.20 -18.87
N PHE D 162 -1.47 22.22 -19.68
CA PHE D 162 -0.30 22.23 -20.56
C PHE D 162 1.02 22.53 -19.82
N GLU D 163 0.97 23.47 -18.89
CA GLU D 163 2.16 23.88 -18.12
C GLU D 163 2.46 23.04 -16.92
N GLU D 164 1.49 22.31 -16.38
CA GLU D 164 1.74 21.54 -15.18
C GLU D 164 1.40 20.05 -15.33
N LEU D 165 0.11 19.72 -15.54
CA LEU D 165 -0.31 18.33 -15.57
C LEU D 165 0.44 17.43 -16.62
N CYS D 166 0.62 17.94 -17.81
CA CYS D 166 1.27 17.16 -18.89
C CYS D 166 2.79 16.96 -18.62
N LEU D 167 3.29 17.72 -17.64
CA LEU D 167 4.67 17.59 -17.16
C LEU D 167 4.78 16.79 -15.88
N GLY D 168 3.70 16.15 -15.46
CA GLY D 168 3.69 15.40 -14.24
C GLY D 168 3.75 16.26 -12.97
N GLN D 169 3.36 17.54 -13.02
CA GLN D 169 3.24 18.29 -11.75
C GLN D 169 1.80 18.45 -11.31
N PHE D 170 1.52 18.02 -10.10
CA PHE D 170 0.18 17.94 -9.59
C PHE D 170 0.28 18.69 -8.27
N THR D 171 -0.12 19.96 -8.34
CA THR D 171 0.12 20.97 -7.29
C THR D 171 -1.14 21.21 -6.47
N GLU D 172 -1.03 21.44 -5.16
N GLU D 172 -0.96 21.43 -5.17
CA GLU D 172 -2.23 21.71 -4.34
CA GLU D 172 -2.02 21.77 -4.23
C GLU D 172 -2.87 23.01 -4.76
C GLU D 172 -2.80 22.97 -4.72
N ALA D 173 -2.07 23.97 -5.23
CA ALA D 173 -2.65 25.22 -5.77
C ALA D 173 -3.59 25.03 -6.99
N SER D 174 -3.11 24.23 -7.92
CA SER D 174 -3.89 23.82 -9.10
C SER D 174 -5.07 22.91 -8.77
N ARG D 175 -4.87 21.94 -7.90
CA ARG D 175 -5.98 21.13 -7.44
C ARG D 175 -7.09 22.01 -6.83
N ALA D 176 -6.67 22.95 -6.01
CA ALA D 176 -7.62 23.84 -5.29
C ALA D 176 -8.43 24.66 -6.30
N TYR D 177 -7.71 25.19 -7.30
CA TYR D 177 -8.29 26.01 -8.38
C TYR D 177 -9.40 25.29 -9.17
N TYR D 178 -9.11 24.08 -9.60
CA TYR D 178 -10.09 23.20 -10.27
C TYR D 178 -11.29 22.90 -9.36
N ALA D 179 -11.03 22.61 -8.09
CA ALA D 179 -12.14 22.35 -7.13
C ALA D 179 -13.03 23.53 -6.96
N GLN D 180 -12.46 24.72 -6.94
CA GLN D 180 -13.23 25.95 -6.80
C GLN D 180 -14.15 26.19 -8.01
N VAL D 181 -13.62 25.95 -9.21
CA VAL D 181 -14.40 25.99 -10.40
C VAL D 181 -15.55 24.99 -10.44
N ILE D 182 -15.30 23.78 -9.95
CA ILE D 182 -16.36 22.82 -9.83
C ILE D 182 -17.47 23.26 -8.83
N ALA D 183 -17.04 23.72 -7.68
CA ALA D 183 -17.98 24.35 -6.73
C ALA D 183 -18.82 25.46 -7.36
N ARG D 184 -18.20 26.42 -8.08
CA ARG D 184 -18.97 27.46 -8.78
C ARG D 184 -20.01 26.86 -9.74
N LEU D 185 -19.59 25.88 -10.53
CA LEU D 185 -20.50 25.25 -11.50
C LEU D 185 -21.62 24.47 -10.85
N ALA D 186 -21.28 23.78 -9.76
CA ALA D 186 -22.29 23.14 -8.89
C ALA D 186 -23.41 24.13 -8.48
N GLU D 187 -22.99 25.29 -8.02
CA GLU D 187 -23.95 26.30 -7.54
C GLU D 187 -24.81 26.81 -8.70
N GLN D 188 -24.36 26.54 -9.94
CA GLN D 188 -25.09 26.93 -11.13
C GLN D 188 -25.98 25.83 -11.70
N GLY D 189 -26.18 24.73 -10.97
CA GLY D 189 -27.08 23.61 -11.37
C GLY D 189 -26.51 22.34 -12.02
N ALA D 190 -25.20 22.30 -12.19
CA ALA D 190 -24.58 21.08 -12.70
C ALA D 190 -24.91 19.96 -11.76
N GLN D 191 -25.33 18.82 -12.34
CA GLN D 191 -25.61 17.57 -11.63
C GLN D 191 -24.36 16.74 -11.41
N GLY D 192 -23.36 16.97 -12.26
CA GLY D 192 -22.12 16.21 -12.22
C GLY D 192 -21.03 17.00 -12.97
N VAL D 193 -19.82 16.48 -12.96
CA VAL D 193 -18.70 17.13 -13.63
C VAL D 193 -17.92 16.12 -14.50
N ILE D 194 -17.66 16.49 -15.75
CA ILE D 194 -16.91 15.65 -16.65
C ILE D 194 -15.45 16.12 -16.55
N PHE D 195 -14.56 15.24 -16.13
CA PHE D 195 -13.14 15.50 -16.29
C PHE D 195 -12.85 15.13 -17.74
N GLY D 196 -12.90 16.17 -18.56
CA GLY D 196 -12.82 16.09 -20.01
C GLY D 196 -11.42 16.30 -20.52
N SER D 197 -10.45 16.16 -19.64
CA SER D 197 -9.03 15.96 -20.04
C SER D 197 -8.59 14.77 -19.20
N THR D 198 -7.93 13.82 -19.83
CA THR D 198 -7.67 12.56 -19.20
C THR D 198 -6.59 12.70 -18.16
N GLU D 199 -5.94 13.87 -18.07
CA GLU D 199 -5.07 14.16 -16.91
C GLU D 199 -5.69 14.85 -15.69
N ILE D 200 -6.93 15.36 -15.81
CA ILE D 200 -7.51 16.06 -14.70
C ILE D 200 -7.64 15.10 -13.49
N GLY D 201 -8.03 13.87 -13.78
CA GLY D 201 -8.10 12.82 -12.79
C GLY D 201 -6.81 12.50 -12.04
N LEU D 202 -5.65 12.85 -12.59
CA LEU D 202 -4.40 12.67 -11.86
C LEU D 202 -4.27 13.81 -10.82
N LEU D 203 -4.96 14.95 -11.05
CA LEU D 203 -4.85 16.05 -10.14
C LEU D 203 -5.89 16.06 -9.06
N VAL D 204 -7.15 15.81 -9.45
CA VAL D 204 -8.27 16.07 -8.55
C VAL D 204 -8.89 14.75 -8.08
N PRO D 205 -8.68 14.37 -6.79
CA PRO D 205 -9.31 13.10 -6.39
C PRO D 205 -10.82 13.26 -6.40
N GLU D 206 -11.53 12.19 -6.68
CA GLU D 206 -12.98 12.22 -6.78
C GLU D 206 -13.63 12.68 -5.49
N GLU D 207 -13.09 12.24 -4.35
CA GLU D 207 -13.53 12.73 -3.06
C GLU D 207 -13.40 14.27 -2.83
N ARG D 208 -12.54 14.95 -3.58
CA ARG D 208 -12.38 16.39 -3.46
C ARG D 208 -13.51 17.19 -4.15
N SER D 209 -14.10 16.63 -5.20
CA SER D 209 -15.15 17.29 -5.97
C SER D 209 -16.47 17.35 -5.18
N VAL D 210 -17.13 18.48 -5.27
CA VAL D 210 -18.47 18.65 -4.68
C VAL D 210 -19.51 17.99 -5.54
N LEU D 211 -19.15 17.64 -6.78
CA LEU D 211 -20.10 17.00 -7.75
C LEU D 211 -19.66 15.59 -8.07
N PRO D 212 -20.62 14.68 -8.39
CA PRO D 212 -20.32 13.37 -8.91
C PRO D 212 -19.37 13.55 -10.14
N VAL D 213 -18.34 12.74 -10.18
CA VAL D 213 -17.35 12.86 -11.28
C VAL D 213 -17.57 11.84 -12.36
N PHE D 214 -17.53 12.25 -13.61
CA PHE D 214 -17.42 11.30 -14.72
C PHE D 214 -15.95 11.41 -15.20
N ASP D 215 -15.16 10.39 -14.92
CA ASP D 215 -13.72 10.44 -15.23
C ASP D 215 -13.52 9.83 -16.63
N THR D 216 -13.29 10.67 -17.63
CA THR D 216 -13.28 10.20 -19.05
C THR D 216 -12.31 9.06 -19.29
N ALA D 217 -11.17 9.13 -18.65
CA ALA D 217 -10.17 8.10 -18.72
C ALA D 217 -10.73 6.78 -18.25
N ALA D 218 -11.32 6.79 -17.06
CA ALA D 218 -11.83 5.55 -16.52
C ALA D 218 -13.05 5.04 -17.26
N ILE D 219 -13.94 5.92 -17.68
CA ILE D 219 -15.11 5.48 -18.43
C ILE D 219 -14.68 4.92 -19.83
N HIS D 220 -13.70 5.57 -20.44
CA HIS D 220 -13.16 5.11 -21.77
C HIS D 220 -12.49 3.73 -21.64
N ALA D 221 -11.70 3.55 -20.58
CA ALA D 221 -11.14 2.23 -20.30
C ALA D 221 -12.17 1.15 -20.05
N GLU D 222 -13.23 1.42 -19.27
CA GLU D 222 -14.32 0.49 -19.12
C GLU D 222 -14.97 0.17 -20.46
N ASP D 223 -15.16 1.16 -21.29
CA ASP D 223 -15.69 0.91 -22.63
C ASP D 223 -14.77 0.01 -23.49
N ALA D 224 -13.44 0.25 -23.41
CA ALA D 224 -12.50 -0.59 -24.13
C ALA D 224 -12.61 -2.02 -23.67
N VAL D 225 -12.67 -2.26 -22.36
CA VAL D 225 -12.87 -3.62 -21.87
C VAL D 225 -14.14 -4.29 -22.41
N ALA D 226 -15.25 -3.57 -22.40
CA ALA D 226 -16.46 -4.08 -22.99
C ALA D 226 -16.32 -4.35 -24.45
N PHE D 227 -15.65 -3.49 -25.22
CA PHE D 227 -15.37 -3.86 -26.64
C PHE D 227 -14.62 -5.21 -26.75
N MET D 228 -13.58 -5.33 -25.94
CA MET D 228 -12.64 -6.48 -26.01
C MET D 228 -13.32 -7.80 -25.72
N LEU D 229 -14.31 -7.78 -24.81
CA LEU D 229 -15.05 -8.94 -24.40
C LEU D 229 -16.48 -8.95 -24.99
N SER D 230 -16.78 -8.07 -25.95
CA SER D 230 -18.09 -8.03 -26.60
C SER D 230 -19.30 -7.94 -25.58
N LEU D 231 -19.28 -6.94 -24.74
CA LEU D 231 -20.28 -6.76 -23.69
C LEU D 231 -21.23 -5.65 -24.07
N GLU D 232 -22.50 -5.78 -23.71
CA GLU D 232 -23.46 -4.70 -23.75
C GLU D 232 -23.54 -4.04 -25.15
N HIS D 233 -23.16 -2.78 -25.25
CA HIS D 233 -23.28 -2.01 -26.46
C HIS D 233 -22.25 -2.40 -27.54
N HIS D 234 -21.32 -3.29 -27.16
CA HIS D 234 -20.32 -3.85 -28.10
C HIS D 234 -20.52 -5.35 -28.38
N HIS D 235 -21.65 -5.89 -27.88
CA HIS D 235 -22.33 -7.23 -28.17
C HIS D 235 -22.73 -8.12 -26.99
#